data_6HSW
#
_entry.id   6HSW
#
_cell.length_a   121.173
_cell.length_b   121.173
_cell.length_c   198.203
_cell.angle_alpha   90.000
_cell.angle_beta   90.000
_cell.angle_gamma   120.000
#
_symmetry.space_group_name_H-M   'P 31 2 1'
#
loop_
_entity.id
_entity.type
_entity.pdbx_description
1 polymer 'Carbohydrate esterase family 15 domain protein'
2 non-polymer 'PENTAETHYLENE GLYCOL'
3 non-polymer 1,2-ETHANEDIOL
4 non-polymer GLYCEROL
5 non-polymer 'BROMIDE ION'
6 non-polymer DI(HYDROXYETHYL)ETHER
7 water water
#
_entity_poly.entity_id   1
_entity_poly.type   'polypeptide(L)'
_entity_poly.pdbx_seq_one_letter_code
;(MSE)GSSHHHHHHSSENLYFQGH(MSE)ADQDHAQLLHVLGIENLRRGADGNTDSPFAANTDEAKANTALDSLPPLLTS
VSGQAIASATDWEANRPALLNTFSQEIYGYVPGGAPELHWKAGSTTPIDDSGTSAIRQHFTSTLVHPENAALNLSLNFTL
VLPKSNKPVPVVVV(MSE)SFDPGIWERFRDR(MSE)PAERYAQIQADNARWREQVVNAGWGYAEIIPTEFQADSGDGLS
QGIIGFVNNGKPRNPTDWGALRAWAWSASQVLTYLQTDSRVAADRISVHGHSRFGKAALVA(MSE)AFDNRFAAGFISSS
GEGGAKLWRRNFGEQVGNLAGAGEYHW(MSE)AGNFVKYAGPKKVNDIPVDAHQLLALCAPRPVLVSVGSQGESWVDPKG
(MSE)LLAAYHATPAYALFGEQGVTQNELPAVGNGLLAGKLAFRQHEGGHTPAPNWETFITFATRQWA
;
_entity_poly.pdbx_strand_id   A,B,C
#
# COMPACT_ATOMS: atom_id res chain seq x y z
N GLY A 19 34.66 -13.19 17.40
CA GLY A 19 35.30 -11.86 17.21
C GLY A 19 36.06 -11.36 18.43
N HIS A 20 37.02 -10.46 18.21
CA HIS A 20 37.89 -10.02 19.29
C HIS A 20 37.15 -9.15 20.31
N ALA A 22 33.97 -9.54 21.41
CA ALA A 22 33.36 -10.45 22.36
C ALA A 22 34.38 -10.90 23.40
N ASP A 23 35.59 -11.26 22.93
CA ASP A 23 36.65 -11.69 23.83
C ASP A 23 37.04 -10.58 24.80
N GLN A 24 37.14 -9.35 24.32
CA GLN A 24 37.54 -8.26 25.19
C GLN A 24 36.46 -7.97 26.24
N ASP A 25 35.19 -7.87 25.82
CA ASP A 25 34.11 -7.59 26.76
C ASP A 25 33.97 -8.74 27.77
N HIS A 26 34.07 -9.98 27.30
CA HIS A 26 34.05 -11.12 28.21
C HIS A 26 35.17 -11.00 29.25
N ALA A 27 36.37 -10.60 28.82
CA ALA A 27 37.49 -10.50 29.76
C ALA A 27 37.25 -9.38 30.76
N GLN A 28 36.73 -8.24 30.30
CA GLN A 28 36.44 -7.17 31.22
C GLN A 28 35.33 -7.55 32.19
N LEU A 29 34.35 -8.36 31.76
CA LEU A 29 33.29 -8.81 32.66
C LEU A 29 33.83 -9.67 33.79
N LEU A 30 34.70 -10.64 33.47
CA LEU A 30 35.31 -11.44 34.52
C LEU A 30 36.10 -10.57 35.48
N HIS A 31 36.85 -9.60 34.94
CA HIS A 31 37.53 -8.64 35.81
C HIS A 31 36.56 -7.91 36.74
N VAL A 32 35.39 -7.51 36.23
CA VAL A 32 34.46 -6.76 37.08
C VAL A 32 33.82 -7.61 38.17
N LEU A 33 33.69 -8.92 37.93
CA LEU A 33 33.13 -9.83 38.94
C LEU A 33 34.17 -10.48 39.84
N GLY A 34 35.47 -10.32 39.54
CA GLY A 34 36.54 -10.85 40.35
C GLY A 34 36.71 -12.33 40.14
N ILE A 35 36.71 -12.73 38.87
CA ILE A 35 36.68 -14.13 38.50
C ILE A 35 37.96 -14.43 37.74
N GLU A 36 38.68 -15.44 38.21
CA GLU A 36 39.98 -15.77 37.63
C GLU A 36 39.83 -16.67 36.41
N ASN A 37 39.06 -17.74 36.55
CA ASN A 37 38.91 -18.74 35.51
C ASN A 37 37.49 -19.25 35.51
N LEU A 38 37.00 -19.59 34.33
CA LEU A 38 35.76 -20.34 34.18
C LEU A 38 36.07 -21.78 33.79
N ARG A 39 35.22 -22.68 34.27
CA ARG A 39 35.24 -24.05 33.75
C ARG A 39 34.88 -24.04 32.27
N ARG A 40 35.61 -24.84 31.51
CA ARG A 40 35.36 -24.98 30.08
CA ARG A 40 35.36 -25.00 30.09
C ARG A 40 33.94 -25.46 29.83
N GLY A 41 33.44 -25.16 28.64
CA GLY A 41 32.20 -25.72 28.20
C GLY A 41 32.41 -27.09 27.59
N ALA A 42 31.31 -27.78 27.34
CA ALA A 42 31.39 -29.07 26.69
C ALA A 42 31.58 -28.90 25.18
N ASP A 43 32.12 -29.95 24.56
CA ASP A 43 32.18 -30.11 23.11
C ASP A 43 31.08 -31.06 22.65
N GLY A 44 30.73 -30.95 21.37
CA GLY A 44 29.68 -31.80 20.82
C GLY A 44 30.17 -33.07 20.12
N ASN A 45 31.39 -33.08 19.62
CA ASN A 45 31.98 -34.27 19.02
C ASN A 45 32.42 -35.25 20.11
N THR A 46 32.14 -36.55 19.90
CA THR A 46 32.39 -37.51 20.97
C THR A 46 33.86 -37.89 21.12
N ASP A 47 34.73 -37.59 20.16
CA ASP A 47 36.12 -37.96 20.32
C ASP A 47 36.90 -37.01 21.24
N SER A 48 36.25 -35.95 21.78
CA SER A 48 37.00 -34.99 22.57
C SER A 48 36.96 -35.34 24.05
N PRO A 49 38.00 -35.01 24.81
CA PRO A 49 37.94 -35.26 26.26
C PRO A 49 36.83 -34.46 26.95
N PHE A 50 36.38 -33.36 26.35
CA PHE A 50 35.38 -32.50 26.94
C PHE A 50 33.96 -32.75 26.39
N ALA A 51 33.77 -33.82 25.62
CA ALA A 51 32.47 -34.08 25.03
C ALA A 51 31.38 -34.17 26.09
N ALA A 52 30.20 -33.69 25.73
CA ALA A 52 29.06 -33.69 26.65
C ALA A 52 28.64 -35.10 27.04
N ASN A 53 28.31 -35.26 28.31
CA ASN A 53 27.68 -36.50 28.75
C ASN A 53 26.36 -36.72 28.04
N THR A 54 26.15 -37.96 27.59
CA THR A 54 24.87 -38.40 27.02
C THR A 54 24.43 -39.71 27.65
N ASP A 55 25.01 -40.05 28.79
CA ASP A 55 24.75 -41.29 29.49
C ASP A 55 23.79 -40.97 30.63
N GLU A 56 22.53 -41.38 30.47
CA GLU A 56 21.51 -41.04 31.44
C GLU A 56 21.96 -41.35 32.86
N ALA A 57 22.85 -42.33 33.03
CA ALA A 57 23.26 -42.75 34.37
C ALA A 57 24.11 -41.71 35.09
N LYS A 58 24.72 -40.78 34.35
CA LYS A 58 25.63 -39.79 34.91
C LYS A 58 25.06 -38.36 34.91
N ALA A 59 23.76 -38.20 34.71
CA ALA A 59 23.20 -36.89 34.41
C ALA A 59 22.44 -36.26 35.56
N ASN A 60 22.33 -36.92 36.71
CA ASN A 60 21.39 -36.47 37.72
C ASN A 60 22.00 -36.17 39.08
N THR A 61 23.33 -36.09 39.19
CA THR A 61 23.93 -35.90 40.51
C THR A 61 23.42 -34.62 41.16
N ALA A 62 23.25 -33.55 40.37
CA ALA A 62 22.97 -32.23 40.93
C ALA A 62 21.48 -32.02 41.21
N LEU A 63 20.61 -32.95 40.83
CA LEU A 63 19.18 -32.73 40.96
C LEU A 63 18.71 -32.68 42.41
N ASP A 64 19.52 -33.10 43.37
CA ASP A 64 19.14 -33.01 44.77
C ASP A 64 19.20 -31.58 45.29
N SER A 65 19.91 -30.69 44.60
CA SER A 65 19.92 -29.28 44.98
C SER A 65 18.83 -28.48 44.27
N LEU A 66 17.95 -29.16 43.53
CA LEU A 66 16.88 -28.48 42.82
C LEU A 66 16.14 -27.57 43.80
N PRO A 67 16.05 -26.27 43.51
CA PRO A 67 15.38 -25.35 44.44
C PRO A 67 13.91 -25.71 44.60
N PRO A 68 13.38 -25.65 45.82
CA PRO A 68 11.97 -25.99 46.02
C PRO A 68 11.07 -25.02 45.28
N LEU A 69 10.31 -25.55 44.33
CA LEU A 69 9.38 -24.72 43.55
C LEU A 69 8.45 -23.94 44.44
N LEU A 70 7.97 -24.54 45.52
CA LEU A 70 6.85 -24.00 46.26
C LEU A 70 7.26 -23.40 47.60
N THR A 71 8.52 -22.98 47.69
CA THR A 71 8.95 -22.05 48.71
C THR A 71 9.15 -20.68 48.06
N SER A 72 8.50 -19.67 48.63
CA SER A 72 8.60 -18.31 48.13
C SER A 72 9.99 -17.75 48.38
N VAL A 73 10.26 -16.61 47.79
CA VAL A 73 11.55 -15.96 48.00
C VAL A 73 11.68 -15.51 49.44
N SER A 74 10.57 -15.04 50.03
CA SER A 74 10.53 -14.75 51.46
C SER A 74 10.76 -15.98 52.32
N GLY A 75 10.75 -17.17 51.75
CA GLY A 75 10.98 -18.40 52.50
C GLY A 75 9.74 -19.04 53.08
N GLN A 76 8.56 -18.59 52.68
CA GLN A 76 7.29 -19.16 53.11
C GLN A 76 6.83 -20.25 52.15
N ALA A 77 5.89 -21.07 52.63
CA ALA A 77 5.28 -22.09 51.79
C ALA A 77 4.28 -21.45 50.87
N ILE A 78 4.30 -21.86 49.61
CA ILE A 78 3.36 -21.40 48.61
C ILE A 78 2.26 -22.44 48.54
N ALA A 79 1.05 -22.07 48.94
CA ALA A 79 -0.02 -23.05 49.05
C ALA A 79 -1.22 -22.76 48.15
N SER A 80 -1.23 -21.66 47.40
CA SER A 80 -2.39 -21.32 46.59
C SER A 80 -1.96 -20.57 45.33
N ALA A 81 -2.84 -20.59 44.34
CA ALA A 81 -2.66 -19.72 43.18
C ALA A 81 -2.33 -18.31 43.62
N THR A 82 -3.01 -17.82 44.65
CA THR A 82 -2.77 -16.46 45.12
C THR A 82 -1.34 -16.29 45.63
N ASP A 83 -0.83 -17.27 46.38
CA ASP A 83 0.54 -17.16 46.86
C ASP A 83 1.54 -17.18 45.71
N TRP A 84 1.28 -17.97 44.68
CA TRP A 84 2.23 -18.06 43.59
C TRP A 84 2.33 -16.73 42.86
N GLU A 85 1.20 -16.05 42.70
CA GLU A 85 1.18 -14.74 42.06
C GLU A 85 1.80 -13.67 42.93
N ALA A 86 1.72 -13.84 44.24
CA ALA A 86 2.33 -12.87 45.13
C ALA A 86 3.84 -13.01 45.13
N ASN A 87 4.33 -14.18 44.79
CA ASN A 87 5.76 -14.44 44.74
C ASN A 87 6.35 -14.16 43.37
N ARG A 88 5.50 -14.04 42.36
CA ARG A 88 5.97 -14.01 40.98
C ARG A 88 6.96 -12.88 40.75
N PRO A 89 6.66 -11.64 41.12
CA PRO A 89 7.63 -10.55 40.87
C PRO A 89 8.98 -10.80 41.53
N ALA A 90 9.00 -11.32 42.76
CA ALA A 90 10.27 -11.64 43.40
C ALA A 90 11.00 -12.77 42.67
N LEU A 91 10.28 -13.77 42.21
CA LEU A 91 10.94 -14.86 41.49
C LEU A 91 11.49 -14.38 40.15
N LEU A 92 10.70 -13.60 39.40
CA LEU A 92 11.20 -12.93 38.20
C LEU A 92 12.43 -12.09 38.51
N ASN A 93 12.44 -11.39 39.63
CA ASN A 93 13.56 -10.52 39.97
C ASN A 93 14.85 -11.32 40.09
N THR A 94 14.77 -12.53 40.63
CA THR A 94 15.97 -13.36 40.72
C THR A 94 16.42 -13.76 39.35
N PHE A 95 15.49 -14.15 38.46
CA PHE A 95 15.88 -14.48 37.10
C PHE A 95 16.52 -13.29 36.40
N SER A 96 16.01 -12.08 36.69
CA SER A 96 16.61 -10.90 36.07
C SER A 96 18.03 -10.66 36.58
N GLN A 97 18.22 -10.53 37.89
CA GLN A 97 19.54 -10.14 38.37
C GLN A 97 20.60 -11.19 38.05
N GLU A 98 20.26 -12.47 38.21
CA GLU A 98 21.29 -13.50 38.17
C GLU A 98 21.35 -14.29 36.87
N ILE A 99 20.29 -14.31 36.07
CA ILE A 99 20.28 -15.23 34.94
C ILE A 99 20.24 -14.46 33.63
N TYR A 100 19.15 -13.72 33.38
CA TYR A 100 18.91 -13.19 32.06
C TYR A 100 19.12 -11.68 31.95
N GLY A 101 19.07 -10.98 33.07
CA GLY A 101 19.30 -9.55 33.13
C GLY A 101 18.01 -8.75 33.15
N TYR A 102 18.13 -7.54 33.70
CA TYR A 102 17.02 -6.61 33.75
C TYR A 102 16.83 -5.94 32.41
N VAL A 103 15.56 -5.72 32.06
CA VAL A 103 15.17 -4.76 31.05
C VAL A 103 15.34 -3.37 31.68
N PRO A 104 16.23 -2.54 31.18
CA PRO A 104 16.40 -1.21 31.78
C PRO A 104 15.19 -0.33 31.52
N GLY A 105 14.87 0.49 32.52
CA GLY A 105 13.80 1.44 32.35
C GLY A 105 14.05 2.36 31.19
N GLY A 106 15.30 2.56 30.82
CA GLY A 106 15.57 3.33 29.61
C GLY A 106 15.15 2.65 28.31
N ALA A 107 14.73 1.40 28.32
CA ALA A 107 14.30 0.81 27.07
C ALA A 107 13.18 1.67 26.48
N PRO A 108 13.26 2.07 25.22
CA PRO A 108 12.26 2.97 24.64
C PRO A 108 10.97 2.28 24.24
N GLU A 109 9.94 3.11 24.14
CA GLU A 109 8.73 2.78 23.39
C GLU A 109 9.01 2.72 21.90
N LEU A 110 8.46 1.70 21.24
CA LEU A 110 8.61 1.58 19.81
C LEU A 110 7.35 2.12 19.16
N HIS A 111 7.54 3.09 18.27
CA HIS A 111 6.46 3.65 17.49
C HIS A 111 6.60 3.07 16.10
N TRP A 112 5.56 2.39 15.65
CA TRP A 112 5.59 1.66 14.40
C TRP A 112 4.86 2.42 13.31
N LYS A 113 5.43 2.34 12.10
CA LYS A 113 4.78 2.74 10.86
C LYS A 113 4.58 1.51 9.96
N ALA A 114 3.44 1.45 9.30
CA ALA A 114 3.09 0.34 8.43
C ALA A 114 2.94 0.81 7.00
N GLY A 115 3.30 -0.06 6.05
CA GLY A 115 2.96 0.13 4.67
C GLY A 115 1.57 -0.42 4.36
N SER A 116 1.31 -0.55 3.07
CA SER A 116 0.05 -1.07 2.58
C SER A 116 0.00 -2.58 2.76
N THR A 117 -1.20 -3.13 2.69
CA THR A 117 -1.36 -4.58 2.69
C THR A 117 -1.21 -5.09 1.27
N THR A 118 -0.64 -6.28 1.12
CA THR A 118 -0.59 -6.93 -0.18
C THR A 118 -0.96 -8.39 0.02
N PRO A 119 -1.69 -8.99 -0.93
CA PRO A 119 -2.06 -10.40 -0.77
C PRO A 119 -0.81 -11.26 -0.79
N ILE A 120 -0.82 -12.34 -0.01
CA ILE A 120 0.37 -13.16 0.15
C ILE A 120 0.66 -13.93 -1.10
N ASP A 121 -0.34 -14.17 -1.92
CA ASP A 121 -0.10 -14.76 -3.23
C ASP A 121 -1.22 -14.35 -4.19
N ASP A 122 -0.98 -14.60 -5.48
CA ASP A 122 -1.85 -14.14 -6.55
C ASP A 122 -3.10 -14.99 -6.71
N SER A 123 -3.42 -15.82 -5.73
CA SER A 123 -4.50 -16.80 -5.87
C SER A 123 -5.87 -16.19 -5.74
N GLY A 124 -5.98 -14.98 -5.20
CA GLY A 124 -7.25 -14.45 -4.80
C GLY A 124 -7.65 -14.77 -3.38
N THR A 125 -6.78 -15.43 -2.58
CA THR A 125 -7.00 -15.44 -1.14
C THR A 125 -7.14 -14.01 -0.66
N SER A 126 -7.86 -13.86 0.44
CA SER A 126 -7.90 -12.58 1.13
C SER A 126 -6.86 -12.52 2.24
N ALA A 127 -5.86 -13.40 2.23
CA ALA A 127 -4.79 -13.37 3.22
C ALA A 127 -3.75 -12.31 2.84
N ILE A 128 -3.33 -11.52 3.82
CA ILE A 128 -2.52 -10.35 3.49
C ILE A 128 -1.21 -10.32 4.26
N ARG A 129 -0.29 -9.52 3.74
CA ARG A 129 1.00 -9.30 4.33
C ARG A 129 1.20 -7.80 4.46
N GLN A 130 1.86 -7.38 5.55
CA GLN A 130 2.04 -5.98 5.88
C GLN A 130 3.32 -5.83 6.68
N HIS A 131 4.12 -4.83 6.34
CA HIS A 131 5.44 -4.67 6.92
C HIS A 131 5.42 -3.47 7.85
N PHE A 132 5.97 -3.63 9.04
CA PHE A 132 5.98 -2.60 10.06
C PHE A 132 7.42 -2.20 10.37
N THR A 133 7.64 -0.91 10.59
CA THR A 133 8.97 -0.36 10.85
C THR A 133 8.93 0.63 11.99
N SER A 134 9.92 0.55 12.87
CA SER A 134 10.14 1.50 13.94
C SER A 134 11.56 2.03 13.83
N THR A 135 11.68 3.33 13.88
CA THR A 135 12.97 4.00 13.80
C THR A 135 13.34 4.60 15.14
N LEU A 136 14.58 4.41 15.55
CA LEU A 136 15.12 4.97 16.77
C LEU A 136 16.33 5.80 16.42
N VAL A 137 16.27 7.09 16.74
CA VAL A 137 17.38 8.01 16.56
C VAL A 137 18.07 8.17 17.91
N HIS A 138 19.32 7.90 17.96
CA HIS A 138 19.98 8.00 19.25
C HIS A 138 20.26 9.47 19.59
N PRO A 139 20.01 9.90 20.83
CA PRO A 139 20.20 11.31 21.18
C PRO A 139 21.64 11.77 21.12
N GLU A 140 22.61 10.86 21.16
CA GLU A 140 24.00 11.26 21.26
C GLU A 140 24.86 10.75 20.13
N ASN A 141 24.58 9.59 19.55
CA ASN A 141 25.53 8.98 18.62
C ASN A 141 24.75 8.26 17.54
N ALA A 142 24.81 8.79 16.32
CA ALA A 142 23.99 8.29 15.23
C ALA A 142 24.42 6.90 14.83
N ALA A 143 25.61 6.48 15.18
CA ALA A 143 25.98 5.10 14.89
C ALA A 143 25.17 4.10 15.71
N LEU A 144 24.42 4.55 16.71
CA LEU A 144 23.57 3.65 17.46
C LEU A 144 22.13 3.63 16.94
N ASN A 145 21.82 4.43 15.93
CA ASN A 145 20.47 4.44 15.37
C ASN A 145 20.05 3.03 14.97
N LEU A 146 18.76 2.76 15.08
CA LEU A 146 18.20 1.46 14.74
C LEU A 146 17.01 1.60 13.82
N SER A 147 16.88 0.63 12.93
CA SER A 147 15.66 0.45 12.15
C SER A 147 15.14 -0.95 12.43
N LEU A 148 13.97 -1.03 13.05
CA LEU A 148 13.47 -2.31 13.53
C LEU A 148 12.20 -2.70 12.76
N ASN A 149 12.03 -4.00 12.49
CA ASN A 149 10.98 -4.47 11.57
C ASN A 149 10.23 -5.69 12.10
N PHE A 150 8.99 -5.81 11.68
CA PHE A 150 8.31 -7.09 11.71
C PHE A 150 7.31 -7.13 10.57
N THR A 151 6.98 -8.36 10.16
CA THR A 151 6.03 -8.62 9.09
C THR A 151 4.80 -9.29 9.68
N LEU A 152 3.66 -8.73 9.37
CA LEU A 152 2.38 -9.25 9.83
C LEU A 152 1.73 -9.98 8.67
N VAL A 153 1.23 -11.19 8.93
CA VAL A 153 0.45 -11.95 7.97
C VAL A 153 -0.87 -12.33 8.62
N LEU A 154 -1.98 -11.98 7.96
CA LEU A 154 -3.30 -12.23 8.50
C LEU A 154 -4.17 -13.00 7.50
N PRO A 155 -4.79 -14.08 7.91
CA PRO A 155 -5.85 -14.69 7.10
C PRO A 155 -7.06 -13.76 7.11
N LYS A 156 -7.92 -13.89 6.10
CA LYS A 156 -9.14 -13.09 6.12
C LYS A 156 -10.17 -13.68 7.06
N SER A 157 -10.80 -12.81 7.82
CA SER A 157 -11.74 -13.19 8.86
C SER A 157 -12.62 -11.99 9.12
N ASN A 158 -13.85 -12.28 9.47
CA ASN A 158 -14.80 -11.26 9.92
C ASN A 158 -14.62 -10.95 11.39
N LYS A 159 -13.73 -11.64 12.08
CA LYS A 159 -13.51 -11.38 13.49
C LYS A 159 -12.02 -11.30 13.82
N PRO A 160 -11.67 -10.78 14.98
CA PRO A 160 -10.25 -10.77 15.38
C PRO A 160 -9.69 -12.18 15.40
N VAL A 161 -8.48 -12.33 14.84
CA VAL A 161 -7.81 -13.63 14.78
C VAL A 161 -6.65 -13.75 15.76
N PRO A 162 -6.40 -14.97 16.27
CA PRO A 162 -5.15 -15.21 17.00
C PRO A 162 -3.96 -14.92 16.13
N VAL A 163 -2.89 -14.46 16.76
CA VAL A 163 -1.63 -14.20 16.08
C VAL A 163 -0.48 -14.76 16.89
N VAL A 164 0.38 -15.56 16.25
CA VAL A 164 1.60 -16.06 16.87
C VAL A 164 2.76 -15.14 16.50
N VAL A 165 3.47 -14.66 17.51
CA VAL A 165 4.69 -13.88 17.27
C VAL A 165 5.82 -14.88 17.08
N VAL A 166 6.49 -14.81 15.94
CA VAL A 166 7.47 -15.81 15.55
C VAL A 166 8.84 -15.15 15.45
N SER A 168 12.47 -15.79 14.02
CA SER A 168 13.10 -16.57 12.97
C SER A 168 14.57 -16.22 12.81
N PHE A 169 15.33 -17.20 12.35
CA PHE A 169 16.69 -16.98 11.88
C PHE A 169 16.66 -16.15 10.61
N ASP A 170 17.66 -15.30 10.46
CA ASP A 170 17.73 -14.46 9.29
C ASP A 170 17.74 -15.36 8.06
N PRO A 171 16.78 -15.25 7.14
CA PRO A 171 16.84 -16.12 5.95
C PRO A 171 17.93 -15.74 4.98
N GLY A 172 18.50 -14.53 5.09
CA GLY A 172 19.73 -14.22 4.39
C GLY A 172 20.85 -15.22 4.65
N ILE A 173 20.73 -16.03 5.69
CA ILE A 173 21.73 -17.05 5.98
C ILE A 173 21.55 -18.27 5.08
N TRP A 174 20.32 -18.79 4.94
CA TRP A 174 20.12 -19.89 4.00
C TRP A 174 20.59 -19.50 2.61
N GLU A 175 20.39 -18.24 2.23
CA GLU A 175 20.72 -17.80 0.88
C GLU A 175 22.21 -17.59 0.69
N ARG A 176 22.90 -17.02 1.68
CA ARG A 176 24.35 -16.90 1.56
C ARG A 176 24.98 -18.26 1.24
N PHE A 177 24.39 -19.35 1.74
CA PHE A 177 24.96 -20.68 1.62
C PHE A 177 24.16 -21.59 0.70
N ARG A 178 23.13 -21.06 0.04
N ARG A 178 23.16 -21.05 -0.02
CA ARG A 178 22.32 -21.82 -0.91
CA ARG A 178 22.44 -21.85 -1.00
C ARG A 178 23.18 -22.76 -1.74
C ARG A 178 23.41 -22.53 -1.98
N ASP A 179 24.12 -22.20 -2.50
N ASP A 179 24.45 -21.80 -2.40
CA ASP A 179 24.83 -22.99 -3.49
CA ASP A 179 25.37 -22.31 -3.43
C ASP A 179 25.86 -23.93 -2.87
C ASP A 179 26.37 -23.33 -2.90
N ARG A 180 26.27 -23.69 -1.62
CA ARG A 180 27.22 -24.56 -0.94
C ARG A 180 26.53 -25.67 -0.16
N PRO A 182 23.72 -29.13 0.34
CA PRO A 182 23.34 -30.40 -0.32
C PRO A 182 22.07 -30.37 -1.15
N ALA A 183 21.28 -29.31 -1.15
CA ALA A 183 20.19 -29.19 -2.12
C ALA A 183 18.98 -30.00 -1.70
N GLU A 184 19.16 -31.28 -1.37
CA GLU A 184 18.11 -31.99 -0.65
C GLU A 184 17.81 -31.27 0.65
N ARG A 185 18.84 -30.79 1.32
CA ARG A 185 18.61 -30.17 2.61
C ARG A 185 18.10 -28.75 2.44
N TYR A 186 18.67 -27.98 1.52
CA TYR A 186 18.15 -26.66 1.22
C TYR A 186 16.68 -26.75 0.81
N ALA A 187 16.33 -27.73 -0.01
CA ALA A 187 14.95 -27.90 -0.40
C ALA A 187 14.07 -28.16 0.80
N GLN A 188 14.57 -28.92 1.77
CA GLN A 188 13.74 -29.33 2.91
C GLN A 188 13.54 -28.17 3.88
N ILE A 189 14.57 -27.36 4.09
CA ILE A 189 14.43 -26.17 4.91
C ILE A 189 13.41 -25.24 4.28
N GLN A 190 13.50 -25.05 2.96
CA GLN A 190 12.59 -24.14 2.29
C GLN A 190 11.16 -24.65 2.37
N ALA A 191 10.97 -25.96 2.25
CA ALA A 191 9.63 -26.55 2.37
C ALA A 191 9.10 -26.40 3.79
N ASP A 192 9.92 -26.63 4.81
CA ASP A 192 9.46 -26.46 6.18
C ASP A 192 9.10 -25.02 6.44
N ASN A 193 9.90 -24.11 5.91
CA ASN A 193 9.65 -22.69 6.11
C ASN A 193 8.32 -22.26 5.49
N ALA A 194 7.96 -22.80 4.33
CA ALA A 194 6.67 -22.49 3.73
C ALA A 194 5.55 -23.18 4.47
N ARG A 195 5.80 -24.36 5.00
CA ARG A 195 4.71 -25.19 5.50
C ARG A 195 4.04 -24.56 6.73
N TRP A 196 4.83 -24.14 7.74
CA TRP A 196 4.21 -23.61 8.95
C TRP A 196 3.43 -22.33 8.68
N ARG A 197 3.89 -21.53 7.72
CA ARG A 197 3.13 -20.34 7.35
C ARG A 197 1.74 -20.73 6.87
N GLU A 198 1.67 -21.74 6.01
CA GLU A 198 0.39 -22.25 5.54
C GLU A 198 -0.41 -22.88 6.67
N GLN A 199 0.25 -23.61 7.60
CA GLN A 199 -0.52 -24.22 8.66
C GLN A 199 -1.16 -23.16 9.55
N VAL A 200 -0.43 -22.07 9.81
CA VAL A 200 -0.96 -21.02 10.67
C VAL A 200 -2.18 -20.37 10.03
N VAL A 201 -2.03 -19.88 8.82
CA VAL A 201 -3.13 -19.23 8.13
C VAL A 201 -4.33 -20.16 7.99
N ASN A 202 -4.10 -21.43 7.64
CA ASN A 202 -5.21 -22.36 7.43
C ASN A 202 -5.97 -22.60 8.71
N ALA A 203 -5.32 -22.44 9.86
CA ALA A 203 -6.04 -22.55 11.11
C ALA A 203 -6.78 -21.27 11.47
N GLY A 204 -6.77 -20.27 10.61
CA GLY A 204 -7.38 -19.00 10.96
C GLY A 204 -6.56 -18.14 11.90
N TRP A 205 -5.25 -18.37 11.94
CA TRP A 205 -4.30 -17.55 12.69
C TRP A 205 -3.52 -16.67 11.73
N GLY A 206 -3.06 -15.52 12.23
CA GLY A 206 -2.03 -14.75 11.57
C GLY A 206 -0.69 -15.00 12.25
N TYR A 207 0.36 -14.40 11.71
CA TYR A 207 1.62 -14.40 12.43
C TYR A 207 2.36 -13.07 12.25
N ALA A 208 3.23 -12.81 13.22
CA ALA A 208 4.02 -11.58 13.25
C ALA A 208 5.47 -12.01 13.43
N GLU A 209 6.25 -11.86 12.37
CA GLU A 209 7.60 -12.41 12.28
C GLU A 209 8.65 -11.32 12.50
N ILE A 210 9.57 -11.58 13.43
CA ILE A 210 10.76 -10.77 13.63
C ILE A 210 12.00 -11.63 13.44
N ILE A 211 13.08 -10.97 13.00
CA ILE A 211 14.42 -11.55 12.97
C ILE A 211 15.14 -11.01 14.20
N PRO A 212 15.26 -11.77 15.27
CA PRO A 212 15.76 -11.20 16.52
C PRO A 212 17.11 -10.53 16.43
N THR A 213 18.01 -11.04 15.59
CA THR A 213 19.38 -10.54 15.48
C THR A 213 19.43 -9.19 14.80
N GLU A 214 18.31 -8.71 14.28
CA GLU A 214 18.21 -7.32 13.88
C GLU A 214 17.95 -6.38 15.05
N PHE A 215 17.43 -6.90 16.16
CA PHE A 215 17.28 -6.12 17.37
C PHE A 215 18.52 -6.18 18.25
N GLN A 216 19.15 -7.36 18.37
CA GLN A 216 20.35 -7.53 19.18
C GLN A 216 21.14 -8.65 18.54
N ALA A 217 22.40 -8.37 18.18
CA ALA A 217 23.24 -9.35 17.51
C ALA A 217 23.49 -10.55 18.39
N ASP A 218 23.71 -11.71 17.72
CA ASP A 218 24.01 -12.97 18.42
C ASP A 218 25.52 -13.11 18.65
N SER A 219 26.10 -12.16 19.38
CA SER A 219 27.54 -12.15 19.65
C SER A 219 27.87 -11.10 20.69
N GLY A 220 28.83 -11.39 21.57
CA GLY A 220 29.39 -10.39 22.48
C GLY A 220 29.95 -9.18 21.76
N ASP A 221 30.33 -9.36 20.49
CA ASP A 221 30.72 -8.25 19.63
C ASP A 221 29.64 -7.18 19.57
N GLY A 222 28.37 -7.56 19.59
CA GLY A 222 27.31 -6.60 19.42
C GLY A 222 26.69 -6.02 20.68
N LEU A 223 27.24 -6.30 21.85
CA LEU A 223 26.61 -5.91 23.10
C LEU A 223 26.64 -4.41 23.32
N SER A 224 27.50 -3.70 22.62
CA SER A 224 27.51 -2.25 22.63
C SER A 224 26.74 -1.67 21.46
N GLN A 225 26.02 -2.52 20.75
CA GLN A 225 25.17 -2.13 19.65
C GLN A 225 23.77 -2.69 19.84
N GLY A 226 22.91 -2.60 18.81
CA GLY A 226 21.59 -3.14 18.91
C GLY A 226 20.81 -2.35 19.97
N ILE A 227 19.77 -2.96 20.50
CA ILE A 227 18.96 -2.23 21.47
C ILE A 227 19.67 -2.11 22.80
N ILE A 228 20.46 -3.10 23.21
CA ILE A 228 21.19 -3.02 24.45
C ILE A 228 22.16 -1.86 24.40
N GLY A 229 22.88 -1.75 23.29
CA GLY A 229 23.84 -0.67 23.13
C GLY A 229 23.19 0.69 23.02
N PHE A 230 22.07 0.76 22.30
CA PHE A 230 21.30 1.99 22.21
C PHE A 230 20.98 2.51 23.60
N VAL A 231 20.38 1.67 24.44
CA VAL A 231 20.00 2.10 25.77
C VAL A 231 21.22 2.41 26.63
N ASN A 232 22.36 1.74 26.37
CA ASN A 232 23.54 1.94 27.18
C ASN A 232 24.47 2.99 26.61
N ASN A 233 24.02 3.72 25.60
CA ASN A 233 24.82 4.77 24.98
C ASN A 233 26.16 4.20 24.47
N GLY A 234 26.17 2.95 24.00
CA GLY A 234 27.36 2.35 23.43
C GLY A 234 28.42 1.95 24.43
N LYS A 235 28.17 2.10 25.72
CA LYS A 235 29.05 1.69 26.80
C LYS A 235 28.88 0.20 27.09
N PRO A 236 29.84 -0.40 27.78
CA PRO A 236 29.69 -1.82 28.16
C PRO A 236 28.59 -2.02 29.19
N ARG A 237 28.02 -3.20 29.15
CA ARG A 237 26.98 -3.60 30.11
C ARG A 237 27.49 -3.58 31.54
N ASN A 238 26.65 -3.14 32.47
CA ASN A 238 26.81 -3.56 33.85
C ASN A 238 26.35 -5.02 33.92
N PRO A 239 26.85 -5.78 34.91
CA PRO A 239 26.55 -7.23 34.92
C PRO A 239 25.10 -7.61 35.19
N THR A 240 24.26 -6.71 35.66
CA THR A 240 22.85 -7.04 35.86
C THR A 240 21.98 -6.65 34.66
N ASP A 241 22.56 -6.13 33.60
CA ASP A 241 21.81 -5.67 32.46
C ASP A 241 21.35 -6.87 31.62
N TRP A 242 20.27 -6.68 30.87
CA TRP A 242 19.82 -7.73 29.98
C TRP A 242 20.94 -8.18 29.05
N GLY A 243 20.90 -9.47 28.69
CA GLY A 243 21.57 -10.00 27.51
C GLY A 243 20.62 -10.29 26.35
N ALA A 244 21.15 -11.01 25.36
CA ALA A 244 20.45 -11.14 24.09
C ALA A 244 19.14 -11.89 24.24
N LEU A 245 19.07 -12.90 25.10
CA LEU A 245 17.82 -13.66 25.17
C LEU A 245 16.72 -12.77 25.68
N ARG A 246 17.02 -12.00 26.73
CA ARG A 246 16.04 -11.10 27.31
C ARG A 246 15.69 -9.99 26.33
N ALA A 247 16.64 -9.53 25.53
CA ALA A 247 16.35 -8.46 24.60
C ALA A 247 15.49 -8.96 23.45
N TRP A 248 15.74 -10.20 23.02
CA TRP A 248 14.90 -10.81 21.99
C TRP A 248 13.50 -11.05 22.52
N ALA A 249 13.39 -11.48 23.76
CA ALA A 249 12.09 -11.59 24.37
C ALA A 249 11.42 -10.23 24.45
N TRP A 250 12.18 -9.20 24.81
CA TRP A 250 11.62 -7.85 24.88
C TRP A 250 11.12 -7.42 23.51
N SER A 251 11.81 -7.84 22.47
CA SER A 251 11.42 -7.45 21.13
C SER A 251 10.09 -8.09 20.77
N ALA A 252 9.94 -9.38 21.07
CA ALA A 252 8.66 -10.06 20.90
C ALA A 252 7.57 -9.34 21.69
N SER A 253 7.84 -8.99 22.94
CA SER A 253 6.85 -8.26 23.73
C SER A 253 6.48 -6.94 23.10
N GLN A 254 7.40 -6.27 22.40
CA GLN A 254 6.98 -5.00 21.83
C GLN A 254 6.09 -5.25 20.63
N VAL A 255 6.23 -6.42 20.00
CA VAL A 255 5.34 -6.71 18.88
C VAL A 255 3.96 -6.99 19.40
N LEU A 256 3.86 -7.72 20.52
CA LEU A 256 2.57 -7.97 21.15
C LEU A 256 1.89 -6.67 21.55
N THR A 257 2.66 -5.72 22.09
CA THR A 257 2.09 -4.41 22.43
C THR A 257 1.45 -3.77 21.21
N TYR A 258 2.15 -3.72 20.07
CA TYR A 258 1.50 -3.23 18.87
C TYR A 258 0.22 -4.03 18.58
N LEU A 259 0.34 -5.35 18.53
CA LEU A 259 -0.76 -6.20 18.09
C LEU A 259 -2.02 -6.03 18.96
N GLN A 260 -1.85 -5.64 20.23
CA GLN A 260 -3.01 -5.41 21.07
C GLN A 260 -3.68 -4.05 20.80
N THR A 261 -3.14 -3.25 19.90
CA THR A 261 -3.82 -2.05 19.45
C THR A 261 -4.51 -2.23 18.11
N ASP A 262 -4.40 -3.41 17.50
CA ASP A 262 -4.86 -3.67 16.14
C ASP A 262 -6.13 -4.49 16.23
N SER A 263 -7.26 -3.92 15.79
CA SER A 263 -8.57 -4.57 15.93
C SER A 263 -8.69 -5.84 15.08
N ARG A 264 -7.75 -6.10 14.20
CA ARG A 264 -7.80 -7.35 13.45
C ARG A 264 -7.33 -8.54 14.25
N VAL A 265 -6.81 -8.32 15.46
CA VAL A 265 -6.09 -9.32 16.23
C VAL A 265 -6.87 -9.60 17.49
N ALA A 266 -6.97 -10.88 17.85
CA ALA A 266 -7.57 -11.22 19.15
C ALA A 266 -6.52 -11.02 20.24
N ALA A 267 -6.79 -10.07 21.13
CA ALA A 267 -5.78 -9.60 22.05
C ALA A 267 -5.42 -10.64 23.09
N ASP A 268 -6.32 -11.57 23.36
CA ASP A 268 -6.06 -12.62 24.32
C ASP A 268 -5.58 -13.90 23.67
N ARG A 269 -5.20 -13.86 22.42
CA ARG A 269 -4.77 -15.07 21.75
C ARG A 269 -3.52 -14.77 20.91
N ILE A 270 -2.62 -13.99 21.47
CA ILE A 270 -1.33 -13.73 20.87
C ILE A 270 -0.31 -14.67 21.50
N SER A 271 0.22 -15.58 20.69
CA SER A 271 1.16 -16.62 21.10
C SER A 271 2.60 -16.20 20.81
N VAL A 272 3.54 -16.97 21.34
CA VAL A 272 4.95 -16.76 21.01
C VAL A 272 5.60 -18.09 20.65
N HIS A 273 6.50 -18.03 19.68
CA HIS A 273 7.23 -19.20 19.27
C HIS A 273 8.65 -18.84 18.89
N GLY A 274 9.57 -19.72 19.27
CA GLY A 274 10.93 -19.68 18.76
C GLY A 274 11.57 -21.05 18.88
N HIS A 275 12.60 -21.26 18.07
CA HIS A 275 13.32 -22.53 18.01
C HIS A 275 14.80 -22.36 18.35
N SER A 276 15.35 -23.35 19.06
CA SER A 276 16.77 -23.41 19.41
C SER A 276 17.09 -22.20 20.29
N ARG A 277 18.05 -21.37 19.94
CA ARG A 277 18.39 -20.24 20.80
C ARG A 277 17.21 -19.28 20.95
N PHE A 278 16.35 -19.20 19.94
CA PHE A 278 15.12 -18.43 20.02
C PHE A 278 14.04 -19.17 20.78
N GLY A 279 14.16 -20.48 20.93
CA GLY A 279 13.30 -21.16 21.87
C GLY A 279 13.61 -20.78 23.29
N LYS A 280 14.89 -20.59 23.60
CA LYS A 280 15.23 -20.05 24.91
C LYS A 280 14.57 -18.70 25.12
N ALA A 281 14.70 -17.83 24.13
CA ALA A 281 14.19 -16.47 24.24
C ALA A 281 12.68 -16.48 24.35
N ALA A 282 12.01 -17.35 23.59
CA ALA A 282 10.56 -17.39 23.60
C ALA A 282 10.04 -17.79 24.96
N LEU A 283 10.76 -18.67 25.64
CA LEU A 283 10.32 -19.06 26.98
C LEU A 283 10.55 -17.93 27.96
N VAL A 284 11.69 -17.24 27.86
CA VAL A 284 11.88 -16.02 28.64
C VAL A 284 10.72 -15.06 28.41
N ALA A 285 10.35 -14.81 27.15
CA ALA A 285 9.19 -13.95 26.89
C ALA A 285 7.94 -14.49 27.55
N ALA A 287 7.46 -16.33 30.17
CA ALA A 287 7.46 -16.21 31.61
C ALA A 287 7.37 -14.76 32.06
N PHE A 288 8.11 -13.85 31.39
CA PHE A 288 8.22 -12.47 31.85
C PHE A 288 7.04 -11.63 31.41
N ASP A 289 6.45 -11.93 30.25
CA ASP A 289 5.32 -11.20 29.68
C ASP A 289 4.09 -12.10 29.70
N ASN A 290 3.28 -11.94 30.74
CA ASN A 290 2.10 -12.76 30.93
C ASN A 290 0.95 -12.34 30.04
N ARG A 291 1.15 -11.42 29.10
CA ARG A 291 0.14 -11.15 28.08
C ARG A 291 0.15 -12.18 26.95
N PHE A 292 1.26 -12.88 26.73
CA PHE A 292 1.30 -13.96 25.76
C PHE A 292 0.37 -15.10 26.18
N ALA A 293 -0.47 -15.54 25.26
CA ALA A 293 -1.58 -16.48 25.52
C ALA A 293 -1.16 -17.93 25.42
N ALA A 294 -0.07 -18.22 24.74
CA ALA A 294 0.44 -19.59 24.62
C ALA A 294 1.87 -19.55 24.08
N GLY A 295 2.66 -20.56 24.44
CA GLY A 295 4.04 -20.68 23.98
C GLY A 295 4.41 -21.99 23.29
N PHE A 296 5.00 -21.89 22.12
CA PHE A 296 5.55 -23.03 21.38
C PHE A 296 7.07 -22.96 21.52
N ILE A 297 7.60 -23.72 22.46
CA ILE A 297 9.00 -23.65 22.89
C ILE A 297 9.74 -24.86 22.30
N SER A 298 10.50 -24.63 21.23
CA SER A 298 11.05 -25.72 20.43
C SER A 298 12.55 -25.88 20.66
N SER A 299 12.95 -27.07 21.11
CA SER A 299 14.33 -27.50 21.21
C SER A 299 15.21 -26.44 21.87
N SER A 300 14.71 -25.85 22.97
CA SER A 300 15.37 -24.69 23.55
C SER A 300 16.66 -25.09 24.29
N GLY A 301 16.60 -26.13 25.11
CA GLY A 301 17.79 -26.66 25.74
C GLY A 301 18.33 -25.83 26.89
N GLU A 302 19.66 -25.83 26.98
CA GLU A 302 20.35 -25.21 28.10
C GLU A 302 20.11 -23.69 28.09
N GLY A 303 19.62 -23.17 29.18
CA GLY A 303 19.21 -21.80 29.25
C GLY A 303 17.77 -21.59 28.88
N GLY A 304 17.09 -22.64 28.38
CA GLY A 304 15.68 -22.64 28.11
C GLY A 304 15.01 -23.63 29.04
N ALA A 305 14.31 -24.60 28.46
CA ALA A 305 13.53 -25.56 29.26
C ALA A 305 14.39 -26.66 29.90
N LYS A 306 15.65 -26.84 29.52
CA LYS A 306 16.48 -27.84 30.18
C LYS A 306 16.90 -27.38 31.56
N LEU A 307 16.80 -28.28 32.53
CA LEU A 307 17.31 -27.99 33.86
C LEU A 307 18.83 -27.80 33.82
N TRP A 308 19.29 -26.69 34.38
CA TRP A 308 20.72 -26.47 34.56
C TRP A 308 21.35 -27.68 35.25
N ARG A 309 20.67 -28.19 36.28
CA ARG A 309 21.24 -29.26 37.10
C ARG A 309 21.27 -30.61 36.41
N ARG A 310 20.82 -30.73 35.17
CA ARG A 310 21.11 -31.92 34.41
C ARG A 310 22.48 -31.79 33.82
N ASN A 311 23.23 -32.88 33.86
CA ASN A 311 24.49 -32.96 33.13
C ASN A 311 24.24 -33.84 31.91
N PHE A 312 23.88 -33.20 30.81
CA PHE A 312 23.49 -33.88 29.59
C PHE A 312 23.46 -32.85 28.46
N GLY A 313 24.31 -33.01 27.45
CA GLY A 313 24.37 -32.02 26.41
C GLY A 313 25.06 -30.75 26.87
N GLU A 314 24.60 -29.62 26.33
CA GLU A 314 25.23 -28.33 26.55
C GLU A 314 25.27 -28.01 28.03
N GLN A 315 26.32 -27.30 28.43
CA GLN A 315 26.65 -27.12 29.84
C GLN A 315 26.75 -25.64 30.19
N VAL A 316 26.77 -25.36 31.49
CA VAL A 316 26.80 -23.96 31.91
C VAL A 316 28.06 -23.29 31.40
N GLY A 317 29.17 -24.01 31.35
CA GLY A 317 30.40 -23.43 30.84
C GLY A 317 30.29 -23.04 29.38
N ASN A 318 29.40 -23.66 28.64
CA ASN A 318 29.18 -23.20 27.29
C ASN A 318 28.55 -21.82 27.30
N LEU A 319 27.59 -21.60 28.21
CA LEU A 319 26.82 -20.38 28.18
C LEU A 319 27.50 -19.25 28.94
N ALA A 320 28.47 -19.58 29.78
CA ALA A 320 29.25 -18.59 30.49
C ALA A 320 30.48 -18.18 29.71
N GLY A 321 30.76 -18.89 28.63
CA GLY A 321 31.98 -18.67 27.88
C GLY A 321 31.83 -17.57 26.85
N ALA A 322 32.95 -17.22 26.23
CA ALA A 322 32.98 -16.06 25.35
C ALA A 322 32.08 -16.24 24.15
N GLY A 323 31.70 -17.46 23.82
CA GLY A 323 30.97 -17.69 22.60
C GLY A 323 29.47 -17.52 22.78
N GLU A 324 28.96 -17.67 23.99
CA GLU A 324 27.54 -17.54 24.23
C GLU A 324 27.13 -16.71 25.44
N TYR A 325 28.07 -16.14 26.20
CA TYR A 325 27.71 -15.43 27.42
C TYR A 325 26.80 -14.26 27.12
N HIS A 326 26.86 -13.77 25.90
CA HIS A 326 26.07 -12.60 25.57
C HIS A 326 24.59 -12.88 25.63
N TRP A 327 24.19 -14.14 25.68
CA TRP A 327 22.78 -14.50 25.82
C TRP A 327 22.23 -14.14 27.17
N ALA A 329 22.65 -12.47 31.37
CA ALA A 329 23.22 -11.43 32.18
C ALA A 329 24.70 -11.71 32.42
N GLY A 330 25.48 -10.63 32.50
CA GLY A 330 26.85 -10.79 32.92
C GLY A 330 26.99 -11.56 34.22
N ASN A 331 26.06 -11.32 35.15
CA ASN A 331 26.12 -12.00 36.45
C ASN A 331 26.11 -13.50 36.31
N PHE A 332 25.53 -14.02 35.21
CA PHE A 332 25.38 -15.46 35.11
C PHE A 332 26.72 -16.18 35.08
N VAL A 333 27.75 -15.55 34.51
CA VAL A 333 29.00 -16.28 34.30
C VAL A 333 29.61 -16.76 35.61
N LYS A 334 29.21 -16.19 36.75
CA LYS A 334 29.77 -16.67 38.00
C LYS A 334 29.43 -18.13 38.27
N TYR A 335 28.36 -18.65 37.67
CA TYR A 335 27.93 -20.02 37.95
C TYR A 335 28.77 -21.04 37.20
N ALA A 336 29.73 -20.57 36.42
CA ALA A 336 30.70 -21.42 35.76
C ALA A 336 32.08 -21.24 36.38
N GLY A 337 32.20 -20.45 37.44
CA GLY A 337 33.49 -20.12 38.01
C GLY A 337 33.52 -20.37 39.49
N PRO A 338 33.39 -19.31 40.30
CA PRO A 338 33.42 -19.48 41.75
C PRO A 338 32.19 -20.17 42.31
N LYS A 339 31.13 -20.28 41.52
CA LYS A 339 29.95 -21.02 41.91
C LYS A 339 29.78 -22.18 40.94
N LYS A 340 28.93 -23.11 41.31
CA LYS A 340 28.61 -24.29 40.51
C LYS A 340 27.13 -24.29 40.17
N VAL A 341 26.75 -25.19 39.27
CA VAL A 341 25.37 -25.34 38.86
C VAL A 341 24.47 -25.51 40.08
N ASN A 342 24.96 -26.24 41.08
CA ASN A 342 24.22 -26.44 42.32
C ASN A 342 23.84 -25.14 43.00
N ASP A 343 24.54 -24.04 42.69
CA ASP A 343 24.31 -22.76 43.35
C ASP A 343 23.36 -21.85 42.58
N ILE A 344 23.04 -22.16 41.33
CA ILE A 344 22.11 -21.31 40.61
C ILE A 344 20.86 -21.16 41.48
N PRO A 345 20.45 -19.93 41.80
CA PRO A 345 19.35 -19.74 42.75
C PRO A 345 18.00 -20.19 42.26
N VAL A 346 17.86 -20.55 40.99
CA VAL A 346 16.58 -21.00 40.43
C VAL A 346 16.93 -22.08 39.42
N ASP A 347 15.91 -22.74 38.86
CA ASP A 347 16.15 -23.61 37.71
C ASP A 347 14.95 -23.52 36.75
N ALA A 348 15.06 -24.26 35.65
CA ALA A 348 14.14 -24.14 34.53
C ALA A 348 12.71 -24.57 34.86
N HIS A 349 12.50 -25.37 35.91
CA HIS A 349 11.14 -25.69 36.32
C HIS A 349 10.44 -24.45 36.85
N GLN A 350 11.17 -23.56 37.51
CA GLN A 350 10.57 -22.31 37.95
C GLN A 350 10.31 -21.40 36.76
N LEU A 351 11.15 -21.43 35.73
CA LEU A 351 10.86 -20.61 34.55
C LEU A 351 9.58 -21.08 33.87
N LEU A 352 9.39 -22.39 33.73
CA LEU A 352 8.13 -22.90 33.19
C LEU A 352 6.99 -22.61 34.13
N ALA A 353 7.21 -22.79 35.43
CA ALA A 353 6.16 -22.48 36.39
C ALA A 353 5.71 -21.03 36.25
N LEU A 354 6.62 -20.12 35.93
CA LEU A 354 6.23 -18.72 35.79
C LEU A 354 5.23 -18.51 34.67
N CYS A 355 5.10 -19.49 33.77
CA CYS A 355 4.12 -19.37 32.70
C CYS A 355 2.73 -19.75 33.16
N ALA A 356 2.59 -20.34 34.33
CA ALA A 356 1.26 -20.75 34.75
C ALA A 356 0.35 -19.55 34.96
N PRO A 357 -0.96 -19.65 34.63
CA PRO A 357 -1.63 -20.87 34.19
C PRO A 357 -1.78 -21.00 32.68
N ARG A 358 -0.95 -20.40 31.99
CA ARG A 358 -1.09 -20.30 30.55
C ARG A 358 -0.42 -21.50 29.86
N PRO A 359 -0.97 -21.88 28.71
CA PRO A 359 -0.54 -23.11 28.05
C PRO A 359 0.79 -22.99 27.31
N VAL A 360 1.64 -23.98 27.54
CA VAL A 360 2.99 -24.03 26.97
C VAL A 360 3.26 -25.43 26.45
N LEU A 361 3.66 -25.53 25.20
CA LEU A 361 4.17 -26.78 24.66
C LEU A 361 5.71 -26.77 24.63
N VAL A 362 6.31 -27.62 25.46
CA VAL A 362 7.74 -27.93 25.36
C VAL A 362 7.91 -28.98 24.28
N SER A 363 8.67 -28.64 23.26
CA SER A 363 8.83 -29.44 22.08
C SER A 363 10.31 -29.78 21.90
N VAL A 364 10.59 -31.01 21.46
CA VAL A 364 11.93 -31.42 21.08
C VAL A 364 11.81 -32.56 20.09
N GLY A 365 12.83 -32.73 19.25
CA GLY A 365 12.90 -33.85 18.34
C GLY A 365 13.45 -35.11 19.00
N SER A 366 13.70 -36.12 18.18
CA SER A 366 14.25 -37.37 18.69
C SER A 366 15.52 -37.80 17.98
N GLN A 367 15.92 -37.11 16.92
CA GLN A 367 17.09 -37.46 16.11
C GLN A 367 18.17 -36.40 16.27
N GLY A 368 19.19 -36.70 17.06
CA GLY A 368 20.33 -35.82 17.17
C GLY A 368 20.10 -34.64 18.10
N GLU A 369 19.29 -34.81 19.13
CA GLU A 369 18.89 -33.72 20.00
C GLU A 369 19.56 -33.79 21.36
N SER A 370 20.66 -34.51 21.50
CA SER A 370 21.22 -34.70 22.84
C SER A 370 21.74 -33.40 23.43
N TRP A 371 22.16 -32.47 22.56
CA TRP A 371 22.69 -31.18 23.00
C TRP A 371 21.68 -30.41 23.85
N VAL A 372 20.38 -30.61 23.63
CA VAL A 372 19.31 -29.90 24.35
C VAL A 372 18.70 -30.74 25.46
N ASP A 373 19.10 -31.99 25.59
CA ASP A 373 18.70 -32.89 26.66
C ASP A 373 17.17 -33.07 26.69
N PRO A 374 16.61 -33.84 25.76
CA PRO A 374 15.15 -34.09 25.79
C PRO A 374 14.56 -34.39 27.15
N LYS A 375 15.18 -35.27 27.94
CA LYS A 375 14.57 -35.67 29.20
C LYS A 375 14.74 -34.61 30.28
N GLY A 376 15.81 -33.80 30.21
CA GLY A 376 15.95 -32.71 31.16
C GLY A 376 14.89 -31.63 30.97
N LEU A 378 11.78 -32.43 29.67
CA LEU A 378 10.67 -33.15 30.30
C LEU A 378 10.65 -32.96 31.79
N LEU A 379 11.81 -33.19 32.43
CA LEU A 379 11.88 -33.13 33.89
C LEU A 379 11.56 -31.75 34.40
N ALA A 380 12.00 -30.71 33.69
CA ALA A 380 11.64 -29.35 34.07
C ALA A 380 10.12 -29.18 34.10
N ALA A 381 9.44 -29.66 33.07
CA ALA A 381 7.97 -29.58 33.04
C ALA A 381 7.36 -30.40 34.18
N TYR A 382 7.84 -31.63 34.36
CA TYR A 382 7.43 -32.47 35.48
C TYR A 382 7.51 -31.73 36.80
N HIS A 383 8.65 -31.07 37.06
CA HIS A 383 8.85 -30.42 38.35
C HIS A 383 8.23 -29.03 38.45
N ALA A 384 7.88 -28.43 37.31
CA ALA A 384 7.05 -27.23 37.28
C ALA A 384 5.58 -27.49 37.56
N THR A 385 5.09 -28.71 37.31
CA THR A 385 3.65 -28.91 37.28
C THR A 385 2.94 -28.58 38.60
N PRO A 386 3.54 -28.72 39.77
CA PRO A 386 2.77 -28.38 40.98
C PRO A 386 2.40 -26.91 41.04
N ALA A 387 3.03 -26.03 40.26
CA ALA A 387 2.56 -24.65 40.24
C ALA A 387 1.31 -24.53 39.40
N TYR A 388 1.28 -25.17 38.24
CA TYR A 388 0.04 -25.26 37.48
C TYR A 388 -1.09 -25.87 38.32
N ALA A 389 -0.78 -26.91 39.12
CA ALA A 389 -1.80 -27.53 39.96
C ALA A 389 -2.43 -26.55 40.93
N LEU A 390 -1.68 -25.55 41.37
CA LEU A 390 -2.29 -24.55 42.26
C LEU A 390 -3.46 -23.85 41.59
N PHE A 391 -3.41 -23.71 40.26
CA PHE A 391 -4.44 -23.01 39.50
C PHE A 391 -5.57 -23.95 39.07
N GLY A 392 -5.56 -25.19 39.54
CA GLY A 392 -6.52 -26.19 39.12
C GLY A 392 -6.26 -26.73 37.75
N GLU A 393 -5.02 -26.64 37.29
CA GLU A 393 -4.66 -27.05 35.94
C GLU A 393 -3.68 -28.21 36.06
N GLN A 394 -3.52 -28.92 34.97
CA GLN A 394 -2.68 -30.11 34.94
C GLN A 394 -1.47 -29.85 34.06
N GLY A 395 -0.45 -30.69 34.23
CA GLY A 395 0.77 -30.53 33.47
C GLY A 395 1.37 -31.85 33.05
N VAL A 396 2.61 -32.07 33.43
CA VAL A 396 3.34 -33.27 33.12
C VAL A 396 3.51 -34.07 34.41
N THR A 397 3.12 -35.35 34.36
CA THR A 397 3.01 -36.15 35.57
C THR A 397 3.84 -37.42 35.56
N GLN A 398 4.63 -37.65 34.52
CA GLN A 398 5.63 -38.70 34.55
C GLN A 398 7.03 -38.12 34.36
N ASN A 399 8.04 -38.82 34.87
CA ASN A 399 9.42 -38.35 34.84
C ASN A 399 10.32 -39.18 33.91
N GLU A 400 9.74 -39.87 32.94
CA GLU A 400 10.55 -40.49 31.89
C GLU A 400 9.89 -40.21 30.57
N LEU A 401 10.71 -40.17 29.54
CA LEU A 401 10.25 -39.81 28.22
C LEU A 401 9.23 -40.84 27.72
N PRO A 402 8.07 -40.41 27.23
CA PRO A 402 7.16 -41.38 26.60
C PRO A 402 7.76 -41.92 25.34
N ALA A 403 7.06 -42.81 24.66
CA ALA A 403 7.45 -43.19 23.31
C ALA A 403 7.41 -41.98 22.39
N VAL A 404 8.46 -41.83 21.60
CA VAL A 404 8.52 -40.78 20.59
C VAL A 404 7.16 -40.64 19.93
N GLY A 405 6.75 -39.39 19.68
CA GLY A 405 5.49 -39.11 19.05
C GLY A 405 4.29 -39.12 19.97
N ASN A 406 4.42 -39.62 21.19
CA ASN A 406 3.29 -39.67 22.12
C ASN A 406 3.34 -38.40 22.96
N GLY A 407 2.44 -37.46 22.67
CA GLY A 407 2.44 -36.18 23.38
C GLY A 407 1.73 -36.27 24.71
N LEU A 408 2.27 -35.54 25.69
CA LEU A 408 1.59 -35.34 26.96
C LEU A 408 0.86 -34.00 26.86
N LEU A 409 -0.35 -34.05 26.28
CA LEU A 409 -1.00 -32.88 25.73
C LEU A 409 -2.26 -32.47 26.46
N ALA A 410 -2.58 -33.12 27.58
CA ALA A 410 -3.84 -32.88 28.27
C ALA A 410 -3.82 -31.64 29.16
N GLY A 411 -2.68 -31.32 29.79
CA GLY A 411 -2.62 -30.19 30.68
C GLY A 411 -2.25 -28.89 29.97
N LYS A 412 -2.37 -27.78 30.71
CA LYS A 412 -1.90 -26.49 30.20
C LYS A 412 -0.40 -26.50 29.96
N LEU A 413 0.36 -27.27 30.74
CA LEU A 413 1.77 -27.47 30.48
C LEU A 413 1.96 -28.85 29.87
N ALA A 414 2.56 -28.88 28.70
CA ALA A 414 2.52 -30.03 27.81
C ALA A 414 3.92 -30.28 27.28
N PHE A 415 4.16 -31.51 26.84
CA PHE A 415 5.44 -31.97 26.30
C PHE A 415 5.18 -32.92 25.15
N ARG A 416 5.80 -32.68 23.99
CA ARG A 416 5.77 -33.67 22.92
C ARG A 416 7.11 -33.72 22.21
N GLN A 417 7.75 -34.88 22.27
CA GLN A 417 8.94 -35.18 21.49
C GLN A 417 8.52 -35.81 20.18
N HIS A 418 8.83 -35.15 19.08
CA HIS A 418 8.42 -35.60 17.76
C HIS A 418 9.48 -36.53 17.15
N GLU A 419 9.22 -36.94 15.91
CA GLU A 419 10.02 -37.97 15.26
C GLU A 419 11.18 -37.41 14.47
N GLY A 420 11.32 -36.09 14.37
CA GLY A 420 12.36 -35.47 13.59
C GLY A 420 13.58 -35.07 14.40
N GLY A 421 14.38 -34.20 13.81
CA GLY A 421 15.57 -33.68 14.47
C GLY A 421 15.35 -32.31 15.06
N HIS A 422 16.35 -31.45 14.90
CA HIS A 422 16.41 -30.15 15.58
C HIS A 422 15.64 -29.18 14.70
N THR A 423 14.32 -29.28 14.78
CA THR A 423 13.42 -28.50 13.93
C THR A 423 12.06 -28.47 14.59
N PRO A 424 11.32 -27.37 14.49
CA PRO A 424 9.96 -27.33 15.07
C PRO A 424 8.88 -27.88 14.14
N ALA A 425 9.20 -28.10 12.86
CA ALA A 425 8.17 -28.39 11.87
C ALA A 425 7.26 -29.55 12.22
N PRO A 426 7.73 -30.64 12.83
CA PRO A 426 6.81 -31.75 13.12
C PRO A 426 5.82 -31.46 14.23
N ASN A 427 5.94 -30.35 14.94
CA ASN A 427 5.06 -30.06 16.06
C ASN A 427 4.20 -28.82 15.89
N TRP A 428 4.25 -28.14 14.74
CA TRP A 428 3.33 -27.03 14.49
C TRP A 428 1.87 -27.48 14.56
N GLU A 429 1.53 -28.55 13.85
CA GLU A 429 0.18 -29.12 13.96
C GLU A 429 -0.20 -29.36 15.40
N THR A 430 0.66 -30.05 16.16
CA THR A 430 0.38 -30.30 17.57
C THR A 430 0.17 -28.98 18.33
N PHE A 431 1.02 -27.99 18.07
CA PHE A 431 0.93 -26.74 18.84
C PHE A 431 -0.37 -26.02 18.55
N ILE A 432 -0.73 -25.86 17.27
CA ILE A 432 -1.94 -25.13 16.92
C ILE A 432 -3.16 -25.80 17.54
N THR A 433 -3.25 -27.11 17.38
CA THR A 433 -4.35 -27.86 17.96
C THR A 433 -4.36 -27.72 19.47
N PHE A 434 -3.18 -27.87 20.09
CA PHE A 434 -3.05 -27.75 21.54
C PHE A 434 -3.52 -26.39 22.03
N ALA A 435 -3.04 -25.31 21.40
CA ALA A 435 -3.44 -23.97 21.85
C ALA A 435 -4.95 -23.76 21.73
N THR A 436 -5.52 -24.16 20.59
CA THR A 436 -6.97 -24.07 20.39
C THR A 436 -7.71 -24.78 21.52
N ARG A 437 -7.27 -25.98 21.87
CA ARG A 437 -7.98 -26.74 22.88
C ARG A 437 -7.81 -26.13 24.26
N GLN A 438 -6.62 -25.62 24.55
CA GLN A 438 -6.40 -25.06 25.87
C GLN A 438 -7.05 -23.69 26.02
N TRP A 439 -7.33 -22.99 24.93
CA TRP A 439 -8.04 -21.72 25.04
C TRP A 439 -9.54 -21.86 25.20
N ALA A 440 -10.09 -23.02 24.90
CA ALA A 440 -11.53 -23.17 24.93
C ALA A 440 -12.06 -22.97 26.36
N ALA B 22 -25.35 23.47 -17.77
CA ALA B 22 -24.64 23.65 -16.51
C ALA B 22 -23.85 24.94 -16.52
N ASP B 23 -23.26 25.28 -17.68
CA ASP B 23 -22.33 26.38 -17.77
C ASP B 23 -23.07 27.71 -17.84
N GLN B 24 -24.26 27.72 -18.42
CA GLN B 24 -25.14 28.89 -18.34
C GLN B 24 -25.56 29.17 -16.89
N ASP B 25 -26.07 28.16 -16.19
CA ASP B 25 -26.48 28.37 -14.81
C ASP B 25 -25.32 28.84 -13.93
N HIS B 26 -24.18 28.17 -14.03
CA HIS B 26 -23.01 28.56 -13.27
C HIS B 26 -22.66 30.01 -13.48
N ALA B 27 -22.63 30.45 -14.74
CA ALA B 27 -22.24 31.83 -15.04
C ALA B 27 -23.22 32.83 -14.45
N GLN B 28 -24.52 32.52 -14.49
CA GLN B 28 -25.52 33.38 -13.87
C GLN B 28 -25.38 33.41 -12.35
N LEU B 29 -25.14 32.26 -11.73
CA LEU B 29 -24.88 32.23 -10.31
C LEU B 29 -23.78 33.21 -9.94
N LEU B 30 -22.64 33.12 -10.61
CA LEU B 30 -21.55 34.04 -10.33
C LEU B 30 -21.98 35.49 -10.50
N HIS B 31 -22.80 35.76 -11.52
CA HIS B 31 -23.23 37.12 -11.78
C HIS B 31 -24.08 37.63 -10.64
N VAL B 32 -25.00 36.78 -10.16
CA VAL B 32 -25.86 37.08 -9.02
C VAL B 32 -25.07 37.30 -7.74
N LEU B 33 -23.94 36.62 -7.59
CA LEU B 33 -23.14 36.78 -6.39
C LEU B 33 -22.05 37.83 -6.52
N GLY B 34 -21.93 38.47 -7.67
CA GLY B 34 -20.87 39.44 -7.86
C GLY B 34 -19.48 38.87 -7.91
N ILE B 35 -19.31 37.66 -8.44
CA ILE B 35 -18.01 37.02 -8.48
C ILE B 35 -17.52 37.09 -9.92
N GLU B 36 -16.28 37.51 -10.11
CA GLU B 36 -15.76 37.67 -11.46
C GLU B 36 -14.89 36.52 -11.89
N ASN B 37 -14.27 35.82 -10.93
CA ASN B 37 -13.33 34.75 -11.19
C ASN B 37 -13.34 33.76 -10.04
N LEU B 38 -13.26 32.48 -10.39
CA LEU B 38 -12.98 31.44 -9.42
C LEU B 38 -11.58 30.88 -9.67
N ARG B 39 -10.93 30.49 -8.58
CA ARG B 39 -9.74 29.66 -8.69
C ARG B 39 -10.12 28.30 -9.26
N ARG B 40 -9.26 27.80 -10.14
CA ARG B 40 -9.44 26.49 -10.73
C ARG B 40 -9.33 25.39 -9.68
N GLY B 41 -10.11 24.34 -9.87
CA GLY B 41 -9.89 23.12 -9.14
C GLY B 41 -8.59 22.43 -9.55
N ALA B 42 -8.33 21.32 -8.89
CA ALA B 42 -7.17 20.49 -9.17
C ALA B 42 -7.50 19.42 -10.20
N ASP B 43 -6.46 18.90 -10.83
CA ASP B 43 -6.56 17.71 -11.67
C ASP B 43 -5.99 16.52 -10.93
N GLY B 44 -6.46 15.33 -11.31
CA GLY B 44 -6.08 14.12 -10.61
C GLY B 44 -4.85 13.43 -11.14
N ASN B 45 -4.15 14.04 -12.10
CA ASN B 45 -2.91 13.51 -12.69
C ASN B 45 -1.78 14.49 -12.46
N THR B 46 -0.60 13.99 -12.05
CA THR B 46 0.54 14.89 -11.85
C THR B 46 1.12 15.43 -13.15
N ASP B 47 0.76 14.90 -14.32
CA ASP B 47 1.20 15.52 -15.56
C ASP B 47 0.41 16.78 -15.90
N SER B 48 -0.21 17.42 -14.92
CA SER B 48 -0.95 18.65 -15.10
C SER B 48 -0.37 19.75 -14.24
N PRO B 49 -0.31 20.97 -14.73
CA PRO B 49 0.06 22.08 -13.84
C PRO B 49 -0.84 22.19 -12.63
N PHE B 50 -2.09 21.75 -12.72
CA PHE B 50 -3.05 21.92 -11.64
C PHE B 50 -3.22 20.64 -10.82
N ALA B 51 -2.21 19.78 -10.82
CA ALA B 51 -2.31 18.51 -10.14
C ALA B 51 -2.58 18.71 -8.66
N ALA B 52 -3.36 17.83 -8.07
CA ALA B 52 -3.63 17.93 -6.65
C ALA B 52 -2.37 17.71 -5.84
N ASN B 53 -2.31 18.35 -4.69
CA ASN B 53 -1.28 18.02 -3.72
C ASN B 53 -1.55 16.67 -3.09
N THR B 54 -0.46 15.90 -2.91
CA THR B 54 -0.53 14.63 -2.19
C THR B 54 0.65 14.49 -1.25
N ASP B 55 1.42 15.56 -1.08
CA ASP B 55 2.53 15.65 -0.14
C ASP B 55 1.96 16.06 1.20
N GLU B 56 2.05 15.17 2.20
CA GLU B 56 1.51 15.45 3.52
C GLU B 56 2.10 16.71 4.14
N ALA B 57 3.33 17.06 3.77
CA ALA B 57 4.01 18.22 4.38
C ALA B 57 3.43 19.54 3.91
N LYS B 58 2.73 19.55 2.78
CA LYS B 58 2.13 20.77 2.24
C LYS B 58 0.62 20.86 2.47
N ALA B 59 0.07 20.07 3.39
CA ALA B 59 -1.36 19.85 3.41
C ALA B 59 -2.07 20.58 4.52
N ASN B 60 -1.35 21.12 5.50
CA ASN B 60 -1.98 21.48 6.76
C ASN B 60 -1.95 22.97 7.07
N THR B 61 -1.57 23.83 6.12
CA THR B 61 -1.36 25.22 6.48
C THR B 61 -2.64 25.87 7.03
N ALA B 62 -3.81 25.50 6.51
CA ALA B 62 -5.05 26.13 6.90
C ALA B 62 -5.71 25.53 8.13
N LEU B 63 -5.11 24.52 8.76
CA LEU B 63 -5.76 23.91 9.92
C LEU B 63 -5.81 24.83 11.13
N ASP B 64 -4.98 25.87 11.15
CA ASP B 64 -5.02 26.76 12.30
C ASP B 64 -6.29 27.61 12.33
N SER B 65 -7.03 27.69 11.22
CA SER B 65 -8.31 28.38 11.22
C SER B 65 -9.50 27.47 11.46
N LEU B 66 -9.27 26.22 11.84
CA LEU B 66 -10.36 25.28 12.05
C LEU B 66 -11.38 25.84 13.06
N PRO B 67 -12.65 25.94 12.70
CA PRO B 67 -13.62 26.47 13.64
C PRO B 67 -13.70 25.64 14.90
N PRO B 68 -13.74 26.28 16.06
CA PRO B 68 -13.79 25.53 17.32
C PRO B 68 -15.11 24.78 17.47
N LEU B 69 -15.02 23.45 17.67
CA LEU B 69 -16.20 22.61 17.76
C LEU B 69 -17.13 23.03 18.90
N LEU B 70 -16.57 23.31 20.08
CA LEU B 70 -17.37 23.46 21.31
C LEU B 70 -17.58 24.92 21.68
N THR B 71 -17.59 25.79 20.68
CA THR B 71 -18.16 27.12 20.76
C THR B 71 -19.44 27.13 19.94
N SER B 72 -20.53 27.58 20.58
CA SER B 72 -21.82 27.64 19.95
C SER B 72 -21.85 28.75 18.92
N VAL B 73 -22.84 28.70 18.04
CA VAL B 73 -22.97 29.80 17.09
C VAL B 73 -23.14 31.11 17.85
N SER B 74 -23.79 31.07 19.01
CA SER B 74 -24.00 32.27 19.79
C SER B 74 -22.76 32.74 20.55
N GLY B 75 -21.62 32.04 20.44
CA GLY B 75 -20.38 32.45 21.11
C GLY B 75 -20.15 31.83 22.49
N GLN B 76 -21.02 30.96 22.96
CA GLN B 76 -20.94 30.38 24.28
C GLN B 76 -20.19 29.06 24.22
N ALA B 77 -19.57 28.68 25.35
CA ALA B 77 -18.87 27.40 25.42
C ALA B 77 -19.89 26.28 25.50
N ILE B 78 -19.67 25.21 24.74
CA ILE B 78 -20.53 24.03 24.76
C ILE B 78 -19.92 23.04 25.72
N ALA B 79 -20.64 22.68 26.77
CA ALA B 79 -20.03 21.96 27.87
C ALA B 79 -20.79 20.71 28.22
N SER B 80 -21.93 20.47 27.59
CA SER B 80 -22.68 19.26 27.88
C SER B 80 -23.44 18.86 26.63
N ALA B 81 -23.89 17.61 26.61
CA ALA B 81 -24.79 17.10 25.58
C ALA B 81 -25.98 18.01 25.36
N THR B 82 -26.49 18.60 26.45
CA THR B 82 -27.63 19.50 26.33
C THR B 82 -27.23 20.78 25.61
N ASP B 83 -26.03 21.30 25.87
CA ASP B 83 -25.60 22.47 25.11
C ASP B 83 -25.40 22.13 23.64
N TRP B 84 -24.95 20.90 23.35
CA TRP B 84 -24.69 20.52 21.96
C TRP B 84 -26.01 20.44 21.21
N GLU B 85 -27.01 19.78 21.80
CA GLU B 85 -28.32 19.69 21.16
C GLU B 85 -28.96 21.07 21.03
N ALA B 86 -28.73 21.97 21.99
CA ALA B 86 -29.32 23.29 21.91
C ALA B 86 -28.77 24.09 20.74
N ASN B 87 -27.53 23.84 20.39
CA ASN B 87 -26.85 24.60 19.34
C ASN B 87 -27.07 23.97 17.97
N ARG B 88 -27.61 22.76 17.93
CA ARG B 88 -27.66 22.02 16.67
C ARG B 88 -28.48 22.73 15.60
N PRO B 89 -29.65 23.30 15.89
CA PRO B 89 -30.35 24.02 14.82
C PRO B 89 -29.54 25.17 14.22
N ALA B 90 -28.76 25.91 15.02
CA ALA B 90 -28.02 27.04 14.45
C ALA B 90 -26.82 26.58 13.67
N LEU B 91 -26.21 25.49 14.08
CA LEU B 91 -25.08 24.96 13.32
C LEU B 91 -25.56 24.40 11.97
N LEU B 92 -26.64 23.61 11.99
CA LEU B 92 -27.26 23.10 10.76
C LEU B 92 -27.64 24.24 9.86
N ASN B 93 -28.16 25.32 10.45
CA ASN B 93 -28.56 26.48 9.66
C ASN B 93 -27.39 27.02 8.86
N THR B 94 -26.20 27.06 9.47
CA THR B 94 -25.04 27.56 8.74
C THR B 94 -24.67 26.60 7.61
N PHE B 95 -24.72 25.30 7.87
CA PHE B 95 -24.46 24.33 6.79
C PHE B 95 -25.44 24.50 5.64
N SER B 96 -26.71 24.79 5.95
CA SER B 96 -27.73 25.00 4.93
C SER B 96 -27.45 26.25 4.10
N GLN B 97 -27.30 27.41 4.74
CA GLN B 97 -27.19 28.65 3.98
C GLN B 97 -25.92 28.75 3.15
N GLU B 98 -24.81 28.23 3.65
CA GLU B 98 -23.52 28.49 3.05
C GLU B 98 -22.89 27.31 2.34
N ILE B 99 -23.30 26.08 2.68
CA ILE B 99 -22.61 24.89 2.17
C ILE B 99 -23.53 24.13 1.24
N TYR B 100 -24.58 23.50 1.77
CA TYR B 100 -25.39 22.54 1.02
C TYR B 100 -26.76 23.05 0.57
N GLY B 101 -27.27 24.10 1.17
CA GLY B 101 -28.54 24.72 0.76
C GLY B 101 -29.71 24.27 1.60
N TYR B 102 -30.74 25.14 1.67
CA TYR B 102 -31.96 24.82 2.40
C TYR B 102 -32.87 23.89 1.59
N VAL B 103 -33.48 22.95 2.28
CA VAL B 103 -34.65 22.25 1.77
C VAL B 103 -35.80 23.24 1.82
N PRO B 104 -36.31 23.72 0.70
CA PRO B 104 -37.47 24.63 0.77
C PRO B 104 -38.66 23.97 1.45
N GLY B 105 -39.39 24.77 2.23
CA GLY B 105 -40.65 24.28 2.77
C GLY B 105 -41.59 23.71 1.72
N GLY B 106 -41.52 24.20 0.49
CA GLY B 106 -42.34 23.69 -0.61
C GLY B 106 -42.07 22.25 -0.99
N ALA B 107 -41.03 21.64 -0.44
CA ALA B 107 -40.71 20.29 -0.85
C ALA B 107 -41.88 19.38 -0.45
N PRO B 108 -42.35 18.53 -1.34
CA PRO B 108 -43.58 17.80 -1.07
C PRO B 108 -43.39 16.57 -0.20
N GLU B 109 -44.48 16.20 0.47
CA GLU B 109 -44.61 14.87 1.04
C GLU B 109 -44.82 13.85 -0.07
N LEU B 110 -44.09 12.75 0.01
CA LEU B 110 -44.17 11.70 -1.00
C LEU B 110 -45.14 10.62 -0.51
N HIS B 111 -46.09 10.26 -1.37
CA HIS B 111 -47.03 9.18 -1.10
C HIS B 111 -46.68 8.00 -1.99
N TRP B 112 -46.30 6.91 -1.38
CA TRP B 112 -45.73 5.77 -2.08
C TRP B 112 -46.78 4.70 -2.30
N LYS B 113 -46.84 4.16 -3.50
CA LYS B 113 -47.71 3.01 -3.76
C LYS B 113 -46.84 1.78 -4.01
N ALA B 114 -47.26 0.68 -3.39
CA ALA B 114 -46.45 -0.52 -3.33
C ALA B 114 -46.92 -1.51 -4.40
N GLY B 115 -45.98 -1.96 -5.22
CA GLY B 115 -46.20 -3.12 -6.06
C GLY B 115 -46.26 -4.39 -5.23
N SER B 116 -46.37 -5.51 -5.91
CA SER B 116 -46.44 -6.79 -5.23
C SER B 116 -45.06 -7.21 -4.78
N THR B 117 -45.02 -8.03 -3.72
CA THR B 117 -43.80 -8.65 -3.27
C THR B 117 -43.50 -9.90 -4.09
N THR B 118 -42.22 -10.07 -4.44
CA THR B 118 -41.72 -11.17 -5.24
C THR B 118 -40.52 -11.79 -4.54
N PRO B 119 -40.37 -13.12 -4.57
CA PRO B 119 -39.13 -13.72 -4.06
C PRO B 119 -37.97 -13.50 -5.01
N ILE B 120 -36.78 -13.27 -4.46
CA ILE B 120 -35.63 -12.86 -5.28
C ILE B 120 -34.92 -14.06 -5.90
N ASP B 121 -34.88 -15.22 -5.22
CA ASP B 121 -34.23 -16.45 -5.68
C ASP B 121 -35.27 -17.40 -6.28
N ASP B 122 -34.96 -18.70 -6.28
CA ASP B 122 -35.94 -19.77 -6.24
C ASP B 122 -36.01 -20.43 -4.87
N SER B 123 -35.12 -20.05 -3.95
CA SER B 123 -34.91 -20.75 -2.70
C SER B 123 -36.13 -20.62 -1.78
N GLY B 124 -36.05 -21.29 -0.63
CA GLY B 124 -37.12 -21.29 0.35
C GLY B 124 -36.89 -20.34 1.50
N THR B 125 -35.63 -20.01 1.77
CA THR B 125 -35.28 -18.95 2.69
C THR B 125 -35.13 -17.60 2.00
N SER B 126 -35.04 -17.60 0.67
CA SER B 126 -35.00 -16.40 -0.16
C SER B 126 -35.72 -15.19 0.46
N ALA B 127 -35.17 -14.01 0.23
CA ALA B 127 -35.78 -12.75 0.60
C ALA B 127 -36.89 -12.38 -0.38
N ILE B 128 -37.60 -11.28 -0.11
CA ILE B 128 -38.60 -10.76 -1.03
C ILE B 128 -38.19 -9.36 -1.49
N ARG B 129 -38.63 -9.01 -2.69
CA ARG B 129 -38.40 -7.71 -3.29
C ARG B 129 -39.73 -7.03 -3.55
N GLN B 130 -39.75 -5.71 -3.41
CA GLN B 130 -40.98 -4.97 -3.58
C GLN B 130 -40.64 -3.56 -4.04
N HIS B 131 -41.29 -3.10 -5.11
CA HIS B 131 -41.02 -1.81 -5.72
C HIS B 131 -42.05 -0.81 -5.27
N PHE B 132 -41.58 0.39 -4.93
CA PHE B 132 -42.42 1.49 -4.47
C PHE B 132 -42.24 2.65 -5.42
N THR B 133 -43.36 3.30 -5.76
N THR B 133 -43.36 3.31 -5.75
CA THR B 133 -43.39 4.42 -6.70
CA THR B 133 -43.44 4.39 -6.72
C THR B 133 -44.16 5.56 -6.08
C THR B 133 -44.20 5.55 -6.12
N SER B 134 -43.76 6.76 -6.44
CA SER B 134 -44.38 7.97 -5.97
C SER B 134 -44.45 8.89 -7.17
N THR B 135 -45.62 9.44 -7.41
CA THR B 135 -45.87 10.32 -8.54
C THR B 135 -46.06 11.74 -8.04
N LEU B 136 -45.38 12.69 -8.68
CA LEU B 136 -45.54 14.10 -8.38
C LEU B 136 -45.98 14.80 -9.64
N VAL B 137 -47.12 15.47 -9.58
CA VAL B 137 -47.70 16.11 -10.74
C VAL B 137 -47.68 17.61 -10.51
N HIS B 138 -47.08 18.31 -11.43
CA HIS B 138 -46.84 19.73 -11.25
C HIS B 138 -48.07 20.54 -11.64
N PRO B 139 -48.39 21.58 -10.87
CA PRO B 139 -49.59 22.37 -11.14
C PRO B 139 -49.54 23.18 -12.41
N GLU B 140 -48.36 23.49 -12.93
CA GLU B 140 -48.24 24.44 -14.02
C GLU B 140 -47.55 23.89 -15.25
N ASN B 141 -46.66 22.91 -15.11
CA ASN B 141 -45.85 22.50 -16.24
C ASN B 141 -45.55 21.01 -16.15
N ALA B 142 -46.15 20.22 -17.06
CA ALA B 142 -46.06 18.77 -16.97
C ALA B 142 -44.67 18.26 -17.26
N ALA B 143 -43.82 19.07 -17.90
CA ALA B 143 -42.43 18.70 -18.08
C ALA B 143 -41.70 18.51 -16.75
N LEU B 144 -42.24 19.04 -15.66
CA LEU B 144 -41.60 18.89 -14.36
C LEU B 144 -42.14 17.71 -13.57
N ASN B 145 -43.17 17.01 -14.08
CA ASN B 145 -43.69 15.83 -13.41
C ASN B 145 -42.56 14.82 -13.18
N LEU B 146 -42.68 14.06 -12.09
CA LEU B 146 -41.67 13.11 -11.65
C LEU B 146 -42.32 11.79 -11.30
N SER B 147 -41.66 10.71 -11.66
CA SER B 147 -42.02 9.40 -11.14
C SER B 147 -40.79 8.96 -10.36
N LEU B 148 -40.93 8.85 -9.04
CA LEU B 148 -39.85 8.45 -8.16
C LEU B 148 -40.07 7.03 -7.64
N ASN B 149 -38.96 6.33 -7.41
CA ASN B 149 -38.94 4.91 -7.09
C ASN B 149 -37.96 4.58 -5.99
N PHE B 150 -38.30 3.59 -5.14
CA PHE B 150 -37.26 2.86 -4.45
C PHE B 150 -37.63 1.40 -4.42
N THR B 151 -36.62 0.56 -4.25
CA THR B 151 -36.77 -0.88 -4.23
C THR B 151 -36.47 -1.37 -2.82
N LEU B 152 -37.39 -2.11 -2.25
CA LEU B 152 -37.24 -2.68 -0.92
C LEU B 152 -36.94 -4.16 -1.05
N VAL B 153 -35.93 -4.62 -0.30
CA VAL B 153 -35.60 -6.04 -0.21
C VAL B 153 -35.54 -6.38 1.27
N LEU B 154 -36.26 -7.42 1.66
CA LEU B 154 -36.38 -7.81 3.06
C LEU B 154 -36.14 -9.31 3.20
N PRO B 155 -35.36 -9.72 4.18
CA PRO B 155 -35.20 -11.14 4.45
C PRO B 155 -36.45 -11.69 5.11
N LYS B 156 -36.69 -12.97 4.92
CA LYS B 156 -37.83 -13.60 5.59
C LYS B 156 -37.58 -13.58 7.10
N SER B 157 -38.52 -12.98 7.83
CA SER B 157 -38.36 -12.78 9.26
C SER B 157 -39.75 -12.61 9.87
N ASN B 158 -39.90 -13.11 11.09
CA ASN B 158 -41.14 -12.93 11.84
C ASN B 158 -41.13 -11.66 12.67
N LYS B 159 -39.97 -11.03 12.84
CA LYS B 159 -39.90 -9.75 13.54
C LYS B 159 -39.40 -8.63 12.62
N PRO B 160 -39.60 -7.38 13.01
CA PRO B 160 -39.09 -6.25 12.21
C PRO B 160 -37.58 -6.32 12.06
N VAL B 161 -37.09 -5.95 10.88
CA VAL B 161 -35.66 -6.06 10.58
C VAL B 161 -35.04 -4.68 10.42
N PRO B 162 -33.75 -4.52 10.70
CA PRO B 162 -33.06 -3.30 10.27
C PRO B 162 -33.10 -3.19 8.75
N VAL B 163 -33.12 -1.96 8.26
CA VAL B 163 -33.07 -1.70 6.82
C VAL B 163 -32.04 -0.61 6.58
N VAL B 164 -31.09 -0.86 5.66
CA VAL B 164 -30.16 0.19 5.25
C VAL B 164 -30.71 0.84 3.98
N VAL B 165 -30.84 2.16 4.01
CA VAL B 165 -31.15 2.95 2.81
C VAL B 165 -29.86 3.17 2.04
N VAL B 166 -29.85 2.74 0.79
CA VAL B 166 -28.65 2.69 -0.04
C VAL B 166 -28.83 3.58 -1.25
N SER B 168 -27.33 4.37 -4.80
CA SER B 168 -26.56 3.62 -5.80
C SER B 168 -26.41 4.42 -7.08
N PHE B 169 -25.26 4.25 -7.76
CA PHE B 169 -25.11 4.69 -9.13
C PHE B 169 -26.11 3.95 -9.99
N ASP B 170 -26.57 4.61 -11.04
CA ASP B 170 -27.52 3.96 -11.93
C ASP B 170 -26.81 2.82 -12.68
N PRO B 171 -27.24 1.58 -12.55
CA PRO B 171 -26.48 0.50 -13.18
C PRO B 171 -26.47 0.56 -14.70
N GLY B 172 -27.43 1.25 -15.31
CA GLY B 172 -27.36 1.46 -16.75
C GLY B 172 -26.10 2.18 -17.18
N ILE B 173 -25.48 2.92 -16.28
CA ILE B 173 -24.24 3.62 -16.62
C ILE B 173 -23.21 2.66 -17.21
N TRP B 174 -23.12 1.45 -16.67
CA TRP B 174 -22.14 0.52 -17.20
C TRP B 174 -22.76 -0.61 -18.00
N GLU B 175 -24.06 -0.83 -17.87
CA GLU B 175 -24.75 -1.73 -18.77
C GLU B 175 -24.66 -1.23 -20.20
N ARG B 176 -24.79 0.07 -20.39
CA ARG B 176 -24.69 0.67 -21.72
C ARG B 176 -23.35 0.38 -22.36
N PHE B 177 -22.30 0.24 -21.55
CA PHE B 177 -20.94 0.07 -22.07
C PHE B 177 -20.36 -1.30 -21.75
N ARG B 178 -21.21 -2.27 -21.45
CA ARG B 178 -20.71 -3.58 -21.06
C ARG B 178 -19.72 -4.13 -22.09
N ASP B 179 -20.00 -3.91 -23.37
CA ASP B 179 -19.17 -4.43 -24.43
C ASP B 179 -18.10 -3.45 -24.87
N ARG B 180 -18.01 -2.30 -24.22
CA ARG B 180 -17.04 -1.25 -24.56
C ARG B 180 -16.26 -0.84 -23.34
N PRO B 182 -13.25 -2.78 -20.18
CA PRO B 182 -12.56 -4.02 -19.80
C PRO B 182 -13.48 -5.00 -19.10
N ALA B 183 -13.40 -6.26 -19.53
CA ALA B 183 -14.23 -7.31 -18.94
C ALA B 183 -13.95 -7.48 -17.45
N GLU B 184 -12.71 -7.27 -17.01
CA GLU B 184 -12.37 -7.43 -15.61
C GLU B 184 -13.09 -6.38 -14.76
N ARG B 185 -13.14 -5.14 -15.25
CA ARG B 185 -13.81 -4.07 -14.52
C ARG B 185 -15.30 -4.32 -14.47
N TYR B 186 -15.91 -4.63 -15.62
CA TYR B 186 -17.33 -4.91 -15.61
C TYR B 186 -17.66 -6.04 -14.66
N ALA B 187 -16.89 -7.14 -14.73
CA ALA B 187 -17.17 -8.27 -13.89
C ALA B 187 -17.05 -7.89 -12.41
N GLN B 188 -16.07 -7.04 -12.09
CA GLN B 188 -15.83 -6.71 -10.69
C GLN B 188 -16.94 -5.83 -10.15
N ILE B 189 -17.37 -4.86 -10.94
CA ILE B 189 -18.50 -4.01 -10.57
C ILE B 189 -19.75 -4.87 -10.32
N GLN B 190 -20.05 -5.78 -11.24
CA GLN B 190 -21.27 -6.59 -11.08
C GLN B 190 -21.17 -7.53 -9.88
N ALA B 191 -19.99 -8.12 -9.64
CA ALA B 191 -19.79 -9.00 -8.50
C ALA B 191 -19.93 -8.25 -7.18
N ASP B 192 -19.26 -7.10 -7.06
CA ASP B 192 -19.42 -6.26 -5.87
C ASP B 192 -20.87 -5.87 -5.66
N ASN B 193 -21.58 -5.55 -6.74
CA ASN B 193 -22.96 -5.08 -6.61
C ASN B 193 -23.87 -6.17 -6.08
N ALA B 194 -23.58 -7.44 -6.42
CA ALA B 194 -24.36 -8.57 -5.95
C ALA B 194 -23.99 -8.94 -4.53
N ARG B 195 -22.73 -8.74 -4.17
CA ARG B 195 -22.21 -9.24 -2.90
C ARG B 195 -22.77 -8.46 -1.71
N TRP B 196 -22.87 -7.13 -1.79
CA TRP B 196 -23.32 -6.41 -0.61
C TRP B 196 -24.75 -6.73 -0.31
N ARG B 197 -25.54 -7.00 -1.35
CA ARG B 197 -26.96 -7.30 -1.15
C ARG B 197 -27.10 -8.63 -0.42
N GLU B 198 -26.28 -9.61 -0.79
CA GLU B 198 -26.20 -10.88 -0.10
C GLU B 198 -25.75 -10.69 1.36
N GLN B 199 -24.75 -9.84 1.59
CA GLN B 199 -24.25 -9.61 2.94
C GLN B 199 -25.34 -9.00 3.83
N VAL B 200 -26.11 -8.09 3.30
CA VAL B 200 -27.16 -7.44 4.08
C VAL B 200 -28.23 -8.46 4.47
N VAL B 201 -28.76 -9.17 3.46
CA VAL B 201 -29.79 -10.16 3.70
C VAL B 201 -29.29 -11.24 4.66
N ASN B 202 -28.07 -11.75 4.46
CA ASN B 202 -27.58 -12.82 5.29
C ASN B 202 -27.40 -12.39 6.72
N ALA B 203 -27.31 -11.10 6.97
CA ALA B 203 -27.20 -10.59 8.32
C ALA B 203 -28.56 -10.36 8.95
N GLY B 204 -29.64 -10.65 8.23
CA GLY B 204 -30.95 -10.37 8.77
C GLY B 204 -31.40 -8.95 8.59
N TRP B 205 -30.76 -8.21 7.68
CA TRP B 205 -31.16 -6.86 7.30
C TRP B 205 -31.91 -6.87 5.99
N GLY B 206 -32.70 -5.83 5.81
CA GLY B 206 -33.20 -5.47 4.50
C GLY B 206 -32.43 -4.28 3.96
N TYR B 207 -32.77 -3.93 2.73
CA TYR B 207 -32.26 -2.68 2.17
C TYR B 207 -33.32 -1.99 1.36
N ALA B 208 -33.19 -0.68 1.26
CA ALA B 208 -34.08 0.16 0.47
C ALA B 208 -33.21 0.99 -0.45
N GLU B 209 -33.24 0.69 -1.75
CA GLU B 209 -32.31 1.28 -2.71
C GLU B 209 -32.98 2.36 -3.54
N ILE B 210 -32.29 3.49 -3.65
CA ILE B 210 -32.67 4.57 -4.55
C ILE B 210 -31.52 4.84 -5.49
N ILE B 211 -31.87 5.35 -6.66
CA ILE B 211 -30.93 5.88 -7.62
C ILE B 211 -31.03 7.40 -7.51
N PRO B 212 -30.11 8.04 -6.80
CA PRO B 212 -30.32 9.45 -6.50
C PRO B 212 -30.48 10.29 -7.73
N THR B 213 -29.81 9.94 -8.83
CA THR B 213 -29.89 10.79 -10.01
C THR B 213 -31.25 10.68 -10.67
N GLU B 214 -32.08 9.73 -10.26
CA GLU B 214 -33.49 9.78 -10.66
C GLU B 214 -34.26 10.88 -9.91
N PHE B 215 -33.75 11.33 -8.78
CA PHE B 215 -34.44 12.40 -8.03
C PHE B 215 -33.91 13.79 -8.39
N GLN B 216 -32.61 13.88 -8.66
CA GLN B 216 -31.96 15.12 -9.05
C GLN B 216 -30.75 14.73 -9.88
N ALA B 217 -30.60 15.33 -11.06
CA ALA B 217 -29.51 14.93 -11.93
C ALA B 217 -28.16 15.34 -11.36
N ASP B 218 -27.12 14.62 -11.76
CA ASP B 218 -25.77 14.92 -11.33
C ASP B 218 -25.12 15.89 -12.30
N SER B 219 -25.81 17.01 -12.51
CA SER B 219 -25.26 18.05 -13.38
C SER B 219 -25.97 19.37 -13.09
N GLY B 220 -25.28 20.48 -13.34
CA GLY B 220 -25.97 21.75 -13.30
C GLY B 220 -27.01 21.91 -14.39
N ASP B 221 -26.93 21.11 -15.45
CA ASP B 221 -27.95 21.06 -16.49
C ASP B 221 -29.31 20.74 -15.92
N GLY B 222 -29.33 20.00 -14.81
CA GLY B 222 -30.57 19.47 -14.28
C GLY B 222 -31.11 20.25 -13.10
N LEU B 223 -30.54 21.41 -12.79
CA LEU B 223 -30.94 22.12 -11.57
C LEU B 223 -32.30 22.80 -11.69
N SER B 224 -32.82 22.98 -12.90
CA SER B 224 -34.18 23.45 -13.09
C SER B 224 -35.13 22.29 -13.38
N GLN B 225 -34.67 21.08 -13.14
CA GLN B 225 -35.48 19.88 -13.32
C GLN B 225 -35.32 19.07 -12.05
N GLY B 226 -35.84 17.84 -12.02
CA GLY B 226 -35.69 17.01 -10.86
C GLY B 226 -36.55 17.59 -9.74
N ILE B 227 -36.28 17.13 -8.51
CA ILE B 227 -37.04 17.61 -7.36
C ILE B 227 -36.76 19.10 -7.11
N ILE B 228 -35.52 19.55 -7.33
CA ILE B 228 -35.22 20.96 -7.14
C ILE B 228 -36.04 21.80 -8.11
N GLY B 229 -36.01 21.45 -9.40
CA GLY B 229 -36.82 22.20 -10.36
C GLY B 229 -38.32 22.11 -10.09
N PHE B 230 -38.81 20.92 -9.75
CA PHE B 230 -40.22 20.79 -9.41
C PHE B 230 -40.62 21.82 -8.36
N VAL B 231 -39.86 21.88 -7.28
CA VAL B 231 -40.20 22.77 -6.18
C VAL B 231 -40.02 24.21 -6.58
N ASN B 232 -39.10 24.50 -7.50
CA ASN B 232 -38.90 25.86 -7.98
C ASN B 232 -39.70 26.21 -9.24
N ASN B 233 -40.69 25.42 -9.63
CA ASN B 233 -41.48 25.70 -10.83
C ASN B 233 -40.60 25.88 -12.06
N GLY B 234 -39.48 25.16 -12.11
CA GLY B 234 -38.65 25.24 -13.27
C GLY B 234 -37.75 26.45 -13.35
N LYS B 235 -37.71 27.30 -12.33
CA LYS B 235 -36.89 28.49 -12.38
C LYS B 235 -35.48 28.20 -11.84
N PRO B 236 -34.51 29.03 -12.18
CA PRO B 236 -33.17 28.85 -11.59
C PRO B 236 -33.22 28.97 -10.07
N ARG B 237 -32.32 28.24 -9.42
CA ARG B 237 -32.19 28.29 -7.97
C ARG B 237 -31.84 29.69 -7.51
N ASN B 238 -32.27 30.05 -6.30
CA ASN B 238 -31.57 31.14 -5.63
C ASN B 238 -30.38 30.58 -4.86
N PRO B 239 -29.41 31.41 -4.48
CA PRO B 239 -28.14 30.86 -4.00
C PRO B 239 -28.21 30.12 -2.68
N THR B 240 -29.31 30.16 -1.97
CA THR B 240 -29.39 29.46 -0.68
C THR B 240 -30.18 28.18 -0.78
N ASP B 241 -30.73 27.90 -1.94
CA ASP B 241 -31.47 26.67 -2.17
C ASP B 241 -30.53 25.49 -2.16
N TRP B 242 -31.11 24.35 -1.80
CA TRP B 242 -30.42 23.08 -1.84
C TRP B 242 -29.78 22.86 -3.21
N GLY B 243 -28.64 22.15 -3.17
CA GLY B 243 -28.07 21.51 -4.34
C GLY B 243 -28.30 20.02 -4.30
N ALA B 244 -27.57 19.29 -5.13
CA ALA B 244 -27.88 17.88 -5.31
C ALA B 244 -27.54 17.05 -4.08
N LEU B 245 -26.45 17.35 -3.37
CA LEU B 245 -26.15 16.51 -2.21
C LEU B 245 -27.28 16.59 -1.20
N ARG B 246 -27.81 17.79 -0.97
CA ARG B 246 -28.91 17.94 -0.02
C ARG B 246 -30.19 17.30 -0.57
N ALA B 247 -30.46 17.44 -1.86
CA ALA B 247 -31.64 16.79 -2.45
C ALA B 247 -31.55 15.27 -2.37
N TRP B 248 -30.38 14.71 -2.68
CA TRP B 248 -30.19 13.26 -2.54
C TRP B 248 -30.36 12.82 -1.10
N ALA B 249 -29.84 13.59 -0.15
CA ALA B 249 -30.06 13.28 1.26
C ALA B 249 -31.54 13.34 1.59
N TRP B 250 -32.21 14.40 1.15
CA TRP B 250 -33.66 14.50 1.34
C TRP B 250 -34.35 13.26 0.79
N SER B 251 -33.91 12.79 -0.36
CA SER B 251 -34.55 11.61 -0.96
C SER B 251 -34.44 10.42 -0.03
N ALA B 252 -33.25 10.19 0.51
CA ALA B 252 -33.09 9.10 1.45
C ALA B 252 -34.00 9.28 2.67
N SER B 253 -34.11 10.50 3.17
CA SER B 253 -35.00 10.78 4.30
C SER B 253 -36.46 10.45 3.97
N GLN B 254 -36.93 10.76 2.76
CA GLN B 254 -38.29 10.38 2.44
C GLN B 254 -38.48 8.88 2.49
N VAL B 255 -37.46 8.12 2.10
CA VAL B 255 -37.59 6.67 2.16
C VAL B 255 -37.67 6.21 3.59
N LEU B 256 -36.81 6.74 4.47
CA LEU B 256 -36.91 6.40 5.88
C LEU B 256 -38.30 6.75 6.44
N THR B 257 -38.87 7.90 6.05
CA THR B 257 -40.25 8.21 6.48
C THR B 257 -41.21 7.09 6.11
N TYR B 258 -41.22 6.65 4.85
CA TYR B 258 -42.04 5.49 4.50
C TYR B 258 -41.72 4.32 5.42
N LEU B 259 -40.44 4.05 5.65
CA LEU B 259 -40.05 2.81 6.31
C LEU B 259 -40.48 2.77 7.75
N GLN B 260 -40.55 3.91 8.42
CA GLN B 260 -41.00 3.92 9.81
C GLN B 260 -42.51 3.76 9.92
N THR B 261 -43.22 3.62 8.82
CA THR B 261 -44.63 3.22 8.86
C THR B 261 -44.82 1.77 8.52
N ASP B 262 -43.75 1.06 8.20
CA ASP B 262 -43.85 -0.29 7.69
C ASP B 262 -43.51 -1.23 8.85
N SER B 263 -44.49 -2.05 9.25
CA SER B 263 -44.33 -2.89 10.43
C SER B 263 -43.27 -3.96 10.26
N ARG B 264 -42.86 -4.26 9.02
CA ARG B 264 -41.82 -5.24 8.79
C ARG B 264 -40.43 -4.68 9.11
N VAL B 265 -40.33 -3.38 9.36
CA VAL B 265 -39.07 -2.67 9.47
C VAL B 265 -38.91 -2.22 10.90
N ALA B 266 -37.73 -2.40 11.44
CA ALA B 266 -37.38 -1.89 12.76
C ALA B 266 -37.04 -0.41 12.65
N ALA B 267 -37.96 0.42 13.14
CA ALA B 267 -37.93 1.85 12.90
C ALA B 267 -36.73 2.54 13.55
N ASP B 268 -36.11 1.93 14.54
CA ASP B 268 -34.92 2.51 15.17
C ASP B 268 -33.62 1.86 14.67
N ARG B 269 -33.68 1.17 13.54
CA ARG B 269 -32.50 0.55 12.96
C ARG B 269 -32.51 0.73 11.44
N ILE B 270 -32.85 1.93 10.99
CA ILE B 270 -32.77 2.35 9.60
C ILE B 270 -31.46 3.13 9.42
N SER B 271 -30.54 2.56 8.65
CA SER B 271 -29.23 3.12 8.35
C SER B 271 -29.24 3.84 7.00
N VAL B 272 -28.16 4.55 6.72
CA VAL B 272 -27.96 5.14 5.40
C VAL B 272 -26.54 4.85 4.93
N HIS B 273 -26.41 4.62 3.62
CA HIS B 273 -25.13 4.35 3.00
C HIS B 273 -25.04 5.00 1.64
N GLY B 274 -23.85 5.50 1.37
CA GLY B 274 -23.50 6.01 0.07
C GLY B 274 -22.00 6.01 -0.07
N HIS B 275 -21.55 5.93 -1.31
CA HIS B 275 -20.15 5.85 -1.69
C HIS B 275 -19.79 7.05 -2.55
N SER B 276 -18.60 7.60 -2.32
CA SER B 276 -18.04 8.68 -3.15
C SER B 276 -18.98 9.87 -3.14
N ARG B 277 -19.43 10.38 -4.28
CA ARG B 277 -20.34 11.52 -4.25
C ARG B 277 -21.59 11.23 -3.43
N PHE B 278 -22.08 9.99 -3.41
CA PHE B 278 -23.22 9.67 -2.56
C PHE B 278 -22.79 9.42 -1.13
N GLY B 279 -21.50 9.19 -0.91
CA GLY B 279 -20.97 9.23 0.44
C GLY B 279 -21.07 10.62 1.05
N LYS B 280 -20.79 11.65 0.25
CA LYS B 280 -20.99 13.03 0.72
C LYS B 280 -22.44 13.23 1.11
N ALA B 281 -23.35 12.76 0.25
CA ALA B 281 -24.79 12.96 0.47
C ALA B 281 -25.28 12.15 1.65
N ALA B 282 -24.75 10.93 1.80
CA ALA B 282 -25.11 10.12 2.95
C ALA B 282 -24.74 10.81 4.23
N LEU B 283 -23.61 11.54 4.25
CA LEU B 283 -23.21 12.22 5.50
C LEU B 283 -24.11 13.42 5.79
N VAL B 284 -24.47 14.18 4.75
CA VAL B 284 -25.48 15.23 4.90
C VAL B 284 -26.78 14.66 5.49
N ALA B 285 -27.26 13.56 4.93
CA ALA B 285 -28.44 12.88 5.45
C ALA B 285 -28.27 12.55 6.92
N ALA B 287 -26.33 13.76 9.21
CA ALA B 287 -26.21 14.92 10.09
C ALA B 287 -27.51 15.69 10.21
N PHE B 288 -28.24 15.86 9.10
CA PHE B 288 -29.47 16.64 9.08
C PHE B 288 -30.69 15.86 9.57
N ASP B 289 -30.72 14.55 9.37
CA ASP B 289 -31.88 13.72 9.69
C ASP B 289 -31.50 12.75 10.81
N ASN B 290 -31.78 13.15 12.04
CA ASN B 290 -31.33 12.36 13.18
C ASN B 290 -32.18 11.14 13.42
N ARG B 291 -33.08 10.84 12.50
CA ARG B 291 -33.78 9.56 12.57
C ARG B 291 -32.96 8.40 12.02
N PHE B 292 -31.90 8.65 11.22
CA PHE B 292 -31.05 7.56 10.75
C PHE B 292 -30.23 7.03 11.91
N ALA B 293 -30.25 5.71 12.09
CA ALA B 293 -29.68 5.08 13.27
C ALA B 293 -28.19 4.80 13.15
N ALA B 294 -27.65 4.78 11.94
CA ALA B 294 -26.25 4.53 11.67
C ALA B 294 -25.93 4.97 10.24
N GLY B 295 -24.67 5.32 10.00
CA GLY B 295 -24.23 5.74 8.69
C GLY B 295 -22.94 5.07 8.22
N PHE B 296 -22.95 4.51 7.00
CA PHE B 296 -21.78 3.93 6.34
C PHE B 296 -21.34 4.94 5.30
N ILE B 297 -20.34 5.75 5.65
CA ILE B 297 -19.90 6.87 4.81
C ILE B 297 -18.63 6.47 4.08
N SER B 298 -18.76 6.10 2.82
CA SER B 298 -17.66 5.49 2.08
C SER B 298 -16.93 6.49 1.17
N SER B 299 -15.64 6.68 1.40
CA SER B 299 -14.76 7.43 0.49
C SER B 299 -15.37 8.75 0.05
N SER B 300 -15.93 9.50 1.01
CA SER B 300 -16.71 10.69 0.66
C SER B 300 -15.84 11.88 0.23
N GLY B 301 -14.67 12.08 0.85
CA GLY B 301 -13.76 13.12 0.38
C GLY B 301 -14.25 14.55 0.61
N GLU B 302 -13.86 15.41 -0.33
CA GLU B 302 -14.13 16.85 -0.26
C GLU B 302 -15.62 17.12 -0.37
N GLY B 303 -16.17 17.88 0.59
CA GLY B 303 -17.59 18.11 0.68
C GLY B 303 -18.31 17.04 1.48
N GLY B 304 -17.57 16.02 1.90
CA GLY B 304 -18.04 15.07 2.87
C GLY B 304 -17.19 15.10 4.12
N ALA B 305 -16.60 13.97 4.44
CA ALA B 305 -15.91 13.82 5.71
C ALA B 305 -14.49 14.38 5.70
N LYS B 306 -13.96 14.82 4.56
CA LYS B 306 -12.64 15.45 4.52
C LYS B 306 -12.71 16.90 4.98
N LEU B 307 -11.74 17.32 5.78
CA LEU B 307 -11.71 18.73 6.19
C LEU B 307 -11.43 19.59 4.96
N TRP B 308 -12.21 20.65 4.80
CA TRP B 308 -11.94 21.61 3.74
C TRP B 308 -10.54 22.19 3.88
N ARG B 309 -10.13 22.45 5.12
CA ARG B 309 -8.85 23.09 5.42
C ARG B 309 -7.63 22.19 5.18
N ARG B 310 -7.83 20.95 4.77
CA ARG B 310 -6.72 20.16 4.22
C ARG B 310 -6.54 20.47 2.75
N ASN B 311 -5.27 20.65 2.35
CA ASN B 311 -4.87 20.80 0.94
C ASN B 311 -4.25 19.47 0.52
N PHE B 312 -5.09 18.59 0.01
CA PHE B 312 -4.72 17.21 -0.27
C PHE B 312 -5.83 16.61 -1.12
N GLY B 313 -5.53 16.27 -2.38
CA GLY B 313 -6.54 15.74 -3.29
C GLY B 313 -7.48 16.82 -3.78
N GLU B 314 -8.75 16.46 -3.93
CA GLU B 314 -9.75 17.37 -4.49
C GLU B 314 -9.85 18.65 -3.67
N GLN B 315 -10.08 19.75 -4.38
CA GLN B 315 -10.02 21.11 -3.83
C GLN B 315 -11.35 21.85 -3.91
N VAL B 316 -11.41 22.98 -3.23
CA VAL B 316 -12.63 23.76 -3.17
C VAL B 316 -13.01 24.23 -4.55
N GLY B 317 -12.03 24.53 -5.39
CA GLY B 317 -12.37 25.00 -6.70
C GLY B 317 -12.96 23.92 -7.59
N ASN B 318 -12.69 22.67 -7.27
CA ASN B 318 -13.36 21.58 -7.95
C ASN B 318 -14.83 21.64 -7.67
N LEU B 319 -15.20 21.82 -6.41
CA LEU B 319 -16.60 21.80 -6.02
C LEU B 319 -17.32 23.10 -6.33
N ALA B 320 -16.58 24.19 -6.52
CA ALA B 320 -17.16 25.48 -6.90
C ALA B 320 -17.25 25.68 -8.41
N GLY B 321 -16.58 24.84 -9.19
CA GLY B 321 -16.57 24.97 -10.63
C GLY B 321 -17.80 24.42 -11.31
N ALA B 322 -17.85 24.62 -12.63
CA ALA B 322 -19.07 24.38 -13.38
C ALA B 322 -19.41 22.91 -13.46
N GLY B 323 -18.45 22.03 -13.18
CA GLY B 323 -18.64 20.60 -13.25
C GLY B 323 -19.23 19.97 -12.00
N GLU B 324 -19.03 20.58 -10.83
N GLU B 324 -19.05 20.61 -10.85
CA GLU B 324 -19.55 20.00 -9.59
CA GLU B 324 -19.51 20.02 -9.61
C GLU B 324 -20.32 20.98 -8.70
C GLU B 324 -20.22 21.00 -8.66
N TYR B 325 -20.38 22.28 -9.04
CA TYR B 325 -21.06 23.22 -8.12
C TYR B 325 -22.48 22.80 -7.84
N HIS B 326 -23.10 22.03 -8.74
CA HIS B 326 -24.51 21.67 -8.61
C HIS B 326 -24.72 20.81 -7.38
N TRP B 327 -23.64 20.28 -6.79
CA TRP B 327 -23.71 19.51 -5.56
C TRP B 327 -24.00 20.39 -4.35
N ALA B 329 -24.88 24.39 -2.28
CA ALA B 329 -25.60 25.64 -2.39
C ALA B 329 -24.88 26.56 -3.36
N GLY B 330 -25.63 27.36 -4.10
CA GLY B 330 -24.99 28.41 -4.89
C GLY B 330 -24.01 29.25 -4.08
N ASN B 331 -24.39 29.60 -2.85
CA ASN B 331 -23.54 30.42 -1.98
C ASN B 331 -22.16 29.80 -1.76
N PHE B 332 -22.01 28.50 -1.90
CA PHE B 332 -20.71 27.91 -1.61
C PHE B 332 -19.63 28.41 -2.56
N VAL B 333 -19.98 28.76 -3.79
CA VAL B 333 -18.93 29.04 -4.75
C VAL B 333 -18.08 30.27 -4.35
N LYS B 334 -18.59 31.12 -3.45
CA LYS B 334 -17.80 32.21 -2.87
C LYS B 334 -16.44 31.72 -2.42
N TYR B 335 -16.41 30.53 -1.84
CA TYR B 335 -15.23 30.10 -1.10
C TYR B 335 -14.10 29.71 -2.03
N ALA B 336 -14.31 29.80 -3.33
CA ALA B 336 -13.27 29.52 -4.31
C ALA B 336 -12.92 30.78 -5.11
N GLY B 337 -13.43 31.94 -4.68
CA GLY B 337 -13.24 33.19 -5.37
C GLY B 337 -12.87 34.29 -4.41
N PRO B 338 -13.82 35.16 -4.06
CA PRO B 338 -13.51 36.25 -3.13
C PRO B 338 -13.20 35.79 -1.72
N LYS B 339 -13.56 34.57 -1.34
CA LYS B 339 -13.20 34.02 -0.05
C LYS B 339 -12.33 32.78 -0.28
N LYS B 340 -11.78 32.27 0.81
CA LYS B 340 -10.87 31.13 0.79
C LYS B 340 -11.37 30.06 1.74
N VAL B 341 -10.73 28.88 1.71
CA VAL B 341 -11.20 27.84 2.61
C VAL B 341 -11.11 28.29 4.04
N ASN B 342 -10.17 29.20 4.33
CA ASN B 342 -10.01 29.68 5.70
C ASN B 342 -11.28 30.31 6.17
N ASP B 343 -12.05 30.89 5.25
CA ASP B 343 -13.29 31.58 5.58
C ASP B 343 -14.52 30.69 5.65
N ILE B 344 -14.44 29.41 5.26
CA ILE B 344 -15.62 28.56 5.36
C ILE B 344 -16.06 28.50 6.83
N PRO B 345 -17.30 28.85 7.15
CA PRO B 345 -17.64 29.11 8.56
C PRO B 345 -17.74 27.86 9.43
N VAL B 346 -17.74 26.69 8.81
CA VAL B 346 -17.76 25.40 9.50
C VAL B 346 -16.76 24.49 8.79
N ASP B 347 -16.54 23.29 9.33
CA ASP B 347 -15.77 22.33 8.58
C ASP B 347 -16.27 20.93 8.90
N ALA B 348 -15.63 19.93 8.27
CA ALA B 348 -16.17 18.57 8.29
C ALA B 348 -16.21 17.96 9.68
N HIS B 349 -15.39 18.40 10.63
CA HIS B 349 -15.51 17.87 11.98
C HIS B 349 -16.88 18.20 12.59
N GLN B 350 -17.40 19.37 12.27
CA GLN B 350 -18.72 19.76 12.77
C GLN B 350 -19.81 18.96 12.09
N LEU B 351 -19.63 18.60 10.81
CA LEU B 351 -20.62 17.77 10.14
C LEU B 351 -20.64 16.38 10.77
N LEU B 352 -19.48 15.82 11.08
CA LEU B 352 -19.50 14.55 11.76
C LEU B 352 -20.06 14.67 13.18
N ALA B 353 -19.72 15.77 13.89
CA ALA B 353 -20.20 15.96 15.26
C ALA B 353 -21.72 16.08 15.28
N LEU B 354 -22.31 16.60 14.20
CA LEU B 354 -23.77 16.67 14.10
C LEU B 354 -24.43 15.31 14.10
N CYS B 355 -23.69 14.24 13.87
CA CYS B 355 -24.28 12.92 13.93
C CYS B 355 -24.28 12.38 15.34
N ALA B 356 -23.62 13.06 16.26
CA ALA B 356 -23.51 12.53 17.61
C ALA B 356 -24.90 12.42 18.25
N PRO B 357 -25.16 11.38 19.05
CA PRO B 357 -24.29 10.27 19.44
C PRO B 357 -24.51 9.01 18.63
N ARG B 358 -24.96 9.16 17.38
CA ARG B 358 -25.30 7.96 16.64
C ARG B 358 -24.07 7.41 15.90
N PRO B 359 -24.04 6.10 15.69
CA PRO B 359 -22.86 5.43 15.14
C PRO B 359 -22.64 5.77 13.66
N VAL B 360 -21.41 6.18 13.34
CA VAL B 360 -20.99 6.51 11.98
C VAL B 360 -19.67 5.81 11.70
N LEU B 361 -19.58 5.08 10.58
CA LEU B 361 -18.31 4.55 10.12
C LEU B 361 -17.80 5.39 8.95
N VAL B 362 -16.71 6.12 9.18
CA VAL B 362 -15.97 6.78 8.12
C VAL B 362 -15.06 5.75 7.48
N SER B 363 -15.31 5.49 6.20
CA SER B 363 -14.63 4.43 5.47
C SER B 363 -13.85 5.07 4.32
N VAL B 364 -12.65 4.56 4.08
CA VAL B 364 -11.88 4.93 2.89
C VAL B 364 -11.01 3.75 2.52
N GLY B 365 -10.61 3.69 1.26
CA GLY B 365 -9.67 2.68 0.81
C GLY B 365 -8.24 3.13 0.99
N SER B 366 -7.33 2.29 0.54
CA SER B 366 -5.91 2.54 0.66
C SER B 366 -5.17 2.54 -0.67
N GLN B 367 -5.82 2.24 -1.77
CA GLN B 367 -5.14 2.14 -3.06
C GLN B 367 -5.73 3.22 -3.94
N GLY B 368 -4.90 4.21 -4.31
CA GLY B 368 -5.36 5.26 -5.20
C GLY B 368 -6.47 6.13 -4.65
N GLU B 369 -6.48 6.40 -3.34
CA GLU B 369 -7.52 7.21 -2.70
C GLU B 369 -7.09 8.66 -2.37
N SER B 370 -5.97 9.14 -2.92
CA SER B 370 -5.47 10.46 -2.53
C SER B 370 -6.51 11.56 -2.78
N TRP B 371 -7.32 11.41 -3.81
CA TRP B 371 -8.30 12.42 -4.17
C TRP B 371 -9.29 12.71 -3.02
N VAL B 372 -9.54 11.73 -2.15
CA VAL B 372 -10.46 11.91 -1.04
C VAL B 372 -9.77 12.20 0.30
N ASP B 373 -8.43 12.23 0.33
CA ASP B 373 -7.62 12.58 1.49
C ASP B 373 -7.94 11.71 2.71
N PRO B 374 -7.46 10.48 2.71
CA PRO B 374 -7.70 9.59 3.86
C PRO B 374 -7.40 10.19 5.23
N LYS B 375 -6.20 10.75 5.43
CA LYS B 375 -5.92 11.38 6.73
C LYS B 375 -6.84 12.57 6.98
N GLY B 376 -7.18 13.32 5.94
CA GLY B 376 -8.05 14.45 6.13
C GLY B 376 -9.40 14.06 6.70
N LEU B 378 -9.80 11.19 8.60
CA LEU B 378 -9.49 10.80 9.96
C LEU B 378 -9.43 12.02 10.88
N LEU B 379 -8.82 13.11 10.41
CA LEU B 379 -8.69 14.32 11.21
C LEU B 379 -10.05 14.92 11.54
N ALA B 380 -10.96 14.95 10.57
CA ALA B 380 -12.32 15.35 10.85
C ALA B 380 -12.91 14.54 11.97
N ALA B 381 -12.73 13.21 11.95
CA ALA B 381 -13.34 12.41 13.01
C ALA B 381 -12.68 12.68 14.34
N TYR B 382 -11.36 12.76 14.35
CA TYR B 382 -10.61 13.14 15.54
C TYR B 382 -11.14 14.45 16.12
N HIS B 383 -11.22 15.48 15.29
CA HIS B 383 -11.66 16.77 15.80
C HIS B 383 -13.15 16.81 16.11
N ALA B 384 -13.93 15.82 15.64
CA ALA B 384 -15.36 15.78 15.93
C ALA B 384 -15.71 15.10 17.23
N THR B 385 -14.82 14.29 17.73
CA THR B 385 -15.06 13.33 18.81
C THR B 385 -15.37 13.97 20.17
N PRO B 386 -14.85 15.16 20.51
CA PRO B 386 -15.30 15.79 21.78
C PRO B 386 -16.80 15.99 21.87
N ALA B 387 -17.50 16.08 20.74
CA ALA B 387 -18.95 16.20 20.79
C ALA B 387 -19.57 14.86 21.18
N TYR B 388 -19.00 13.77 20.67
CA TYR B 388 -19.44 12.45 21.07
C TYR B 388 -19.14 12.22 22.56
N ALA B 389 -18.00 12.71 23.04
CA ALA B 389 -17.67 12.53 24.44
C ALA B 389 -18.67 13.25 25.36
N LEU B 390 -19.33 14.31 24.88
CA LEU B 390 -20.37 14.96 25.68
C LEU B 390 -21.51 14.00 25.99
N PHE B 391 -21.75 13.02 25.15
CA PHE B 391 -22.82 12.07 25.37
C PHE B 391 -22.34 10.83 26.12
N GLY B 392 -21.09 10.82 26.58
CA GLY B 392 -20.56 9.60 27.15
C GLY B 392 -20.07 8.56 26.16
N GLU B 393 -19.85 8.93 24.90
CA GLU B 393 -19.48 7.99 23.87
C GLU B 393 -18.03 8.23 23.44
N GLN B 394 -17.47 7.25 22.75
CA GLN B 394 -16.11 7.37 22.27
C GLN B 394 -16.12 7.63 20.76
N GLY B 395 -14.98 8.08 20.25
CA GLY B 395 -14.80 8.33 18.84
C GLY B 395 -13.37 7.98 18.49
N VAL B 396 -12.70 8.88 17.76
CA VAL B 396 -11.35 8.64 17.28
C VAL B 396 -10.41 9.54 18.06
N THR B 397 -9.35 8.94 18.63
CA THR B 397 -8.45 9.66 19.52
C THR B 397 -7.01 9.61 19.07
N GLN B 398 -6.74 9.27 17.81
CA GLN B 398 -5.41 9.50 17.26
C GLN B 398 -5.55 10.35 16.01
N ASN B 399 -4.49 11.04 15.68
CA ASN B 399 -4.54 12.00 14.58
C ASN B 399 -3.54 11.67 13.48
N GLU B 400 -3.03 10.45 13.47
CA GLU B 400 -2.35 9.89 12.31
C GLU B 400 -3.03 8.59 11.93
N LEU B 401 -2.96 8.24 10.64
CA LEU B 401 -3.62 7.05 10.18
C LEU B 401 -3.03 5.82 10.89
N PRO B 402 -3.87 4.89 11.31
CA PRO B 402 -3.34 3.61 11.77
C PRO B 402 -2.88 2.80 10.58
N ALA B 403 -2.35 1.61 10.84
CA ALA B 403 -2.05 0.70 9.76
C ALA B 403 -3.31 0.40 8.95
N VAL B 404 -3.18 0.49 7.64
CA VAL B 404 -4.24 0.04 6.75
C VAL B 404 -4.77 -1.28 7.24
N GLY B 405 -6.10 -1.38 7.33
CA GLY B 405 -6.80 -2.55 7.81
C GLY B 405 -7.20 -2.50 9.27
N ASN B 406 -6.51 -1.71 10.07
CA ASN B 406 -6.80 -1.63 11.49
C ASN B 406 -7.86 -0.55 11.65
N GLY B 407 -9.10 -0.98 11.76
CA GLY B 407 -10.17 -0.03 11.95
C GLY B 407 -10.19 0.43 13.40
N LEU B 408 -10.58 1.68 13.59
CA LEU B 408 -10.74 2.29 14.91
C LEU B 408 -12.21 2.18 15.19
N LEU B 409 -12.58 1.09 15.86
CA LEU B 409 -13.96 0.62 15.91
C LEU B 409 -14.51 0.58 17.35
N ALA B 410 -13.79 1.10 18.33
CA ALA B 410 -14.29 1.10 19.71
C ALA B 410 -15.48 2.04 19.91
N GLY B 411 -15.49 3.18 19.23
CA GLY B 411 -16.44 4.23 19.57
C GLY B 411 -17.64 4.25 18.65
N LYS B 412 -18.59 5.12 18.99
CA LYS B 412 -19.72 5.33 18.08
C LYS B 412 -19.26 6.02 16.81
N LEU B 413 -18.26 6.88 16.92
CA LEU B 413 -17.64 7.48 15.76
C LEU B 413 -16.40 6.66 15.43
N ALA B 414 -16.42 6.01 14.27
CA ALA B 414 -15.39 5.05 13.92
C ALA B 414 -14.83 5.35 12.53
N PHE B 415 -13.63 4.86 12.31
CA PHE B 415 -12.88 5.08 11.08
C PHE B 415 -12.21 3.77 10.65
N ARG B 416 -12.33 3.37 9.38
CA ARG B 416 -11.56 2.20 8.94
C ARG B 416 -11.14 2.37 7.51
N GLN B 417 -9.82 2.33 7.30
CA GLN B 417 -9.24 2.34 5.97
C GLN B 417 -9.06 0.88 5.53
N HIS B 418 -9.72 0.48 4.44
CA HIS B 418 -9.68 -0.91 4.05
C HIS B 418 -8.52 -1.13 3.06
N GLU B 419 -8.38 -2.37 2.60
CA GLU B 419 -7.26 -2.83 1.79
C GLU B 419 -7.39 -2.46 0.31
N GLY B 420 -8.56 -2.03 -0.13
CA GLY B 420 -8.84 -1.85 -1.54
C GLY B 420 -8.72 -0.41 -2.04
N GLY B 421 -9.30 -0.18 -3.21
CA GLY B 421 -9.33 1.11 -3.84
C GLY B 421 -10.58 1.90 -3.49
N HIS B 422 -10.99 2.76 -4.40
CA HIS B 422 -12.12 3.65 -4.20
C HIS B 422 -13.43 2.85 -4.34
N THR B 423 -13.75 2.06 -3.30
CA THR B 423 -14.93 1.23 -3.32
C THR B 423 -15.37 0.98 -1.90
N PRO B 424 -16.68 0.86 -1.65
CA PRO B 424 -17.13 0.47 -0.31
C PRO B 424 -17.02 -1.01 -0.02
N ALA B 425 -16.83 -1.85 -1.03
CA ALA B 425 -17.13 -3.28 -0.86
C ALA B 425 -16.37 -3.90 0.30
N PRO B 426 -15.09 -3.58 0.51
CA PRO B 426 -14.31 -4.23 1.58
C PRO B 426 -14.71 -3.82 2.99
N ASN B 427 -15.62 -2.86 3.17
CA ASN B 427 -16.04 -2.47 4.52
C ASN B 427 -17.52 -2.71 4.79
N TRP B 428 -18.26 -3.37 3.90
CA TRP B 428 -19.67 -3.65 4.20
C TRP B 428 -19.79 -4.58 5.40
N GLU B 429 -19.02 -5.67 5.41
CA GLU B 429 -18.99 -6.57 6.57
C GLU B 429 -18.66 -5.80 7.85
N THR B 430 -17.58 -4.98 7.82
CA THR B 430 -17.26 -4.17 8.99
C THR B 430 -18.44 -3.31 9.41
N PHE B 431 -19.14 -2.72 8.44
CA PHE B 431 -20.18 -1.78 8.83
C PHE B 431 -21.33 -2.51 9.51
N ILE B 432 -21.70 -3.67 8.97
CA ILE B 432 -22.84 -4.37 9.51
C ILE B 432 -22.55 -4.84 10.92
N THR B 433 -21.38 -5.46 11.12
CA THR B 433 -20.94 -5.82 12.47
C THR B 433 -20.89 -4.61 13.39
N PHE B 434 -20.30 -3.51 12.91
CA PHE B 434 -20.22 -2.26 13.66
C PHE B 434 -21.60 -1.76 14.10
N ALA B 435 -22.51 -1.51 13.17
CA ALA B 435 -23.84 -1.04 13.56
C ALA B 435 -24.47 -1.99 14.58
N THR B 436 -24.42 -3.30 14.30
CA THR B 436 -25.00 -4.29 15.20
C THR B 436 -24.44 -4.18 16.61
N ARG B 437 -23.12 -4.10 16.74
CA ARG B 437 -22.53 -4.00 18.07
C ARG B 437 -22.89 -2.69 18.74
N GLN B 438 -22.93 -1.58 18.00
CA GLN B 438 -23.16 -0.30 18.65
C GLN B 438 -24.61 -0.10 19.04
N TRP B 439 -25.54 -0.85 18.44
CA TRP B 439 -26.95 -0.80 18.80
C TRP B 439 -27.31 -1.70 19.96
N ALA B 440 -26.49 -2.70 20.25
CA ALA B 440 -26.81 -3.71 21.24
C ALA B 440 -26.50 -3.17 22.64
N ALA C 22 -8.95 14.11 -36.27
CA ALA C 22 -8.59 12.92 -35.54
C ALA C 22 -9.77 11.96 -35.55
N ASP C 23 -10.97 12.52 -35.32
CA ASP C 23 -12.22 11.78 -35.41
C ASP C 23 -12.34 11.04 -36.72
N GLN C 24 -12.30 11.76 -37.85
CA GLN C 24 -12.56 11.13 -39.13
C GLN C 24 -11.52 10.05 -39.44
N ASP C 25 -10.24 10.35 -39.23
CA ASP C 25 -9.21 9.38 -39.57
C ASP C 25 -9.34 8.13 -38.71
N HIS C 26 -9.61 8.29 -37.41
CA HIS C 26 -9.79 7.16 -36.50
C HIS C 26 -10.93 6.27 -36.94
N ALA C 27 -12.06 6.87 -37.29
CA ALA C 27 -13.21 6.12 -37.77
C ALA C 27 -12.92 5.44 -39.10
N GLN C 28 -12.22 6.11 -40.02
CA GLN C 28 -11.81 5.45 -41.25
C GLN C 28 -10.86 4.30 -40.93
N LEU C 29 -9.96 4.48 -39.97
CA LEU C 29 -9.09 3.38 -39.60
C LEU C 29 -9.91 2.18 -39.13
N LEU C 30 -10.94 2.41 -38.31
CA LEU C 30 -11.67 1.28 -37.75
C LEU C 30 -12.39 0.53 -38.87
N HIS C 31 -12.87 1.28 -39.86
CA HIS C 31 -13.56 0.73 -41.01
C HIS C 31 -12.62 -0.14 -41.83
N VAL C 32 -11.38 0.31 -42.01
CA VAL C 32 -10.39 -0.47 -42.77
C VAL C 32 -10.08 -1.77 -42.06
N LEU C 33 -10.11 -1.78 -40.73
CA LEU C 33 -9.80 -3.00 -39.99
C LEU C 33 -11.03 -3.84 -39.70
N GLY C 34 -12.20 -3.41 -40.16
CA GLY C 34 -13.45 -4.11 -39.83
C GLY C 34 -13.71 -4.17 -38.35
N ILE C 35 -13.50 -3.06 -37.66
CA ILE C 35 -13.72 -2.99 -36.22
C ILE C 35 -14.98 -2.18 -35.97
N GLU C 36 -15.89 -2.73 -35.18
CA GLU C 36 -17.16 -2.09 -34.90
C GLU C 36 -17.11 -1.31 -33.59
N ASN C 37 -16.64 -1.96 -32.52
CA ASN C 37 -16.58 -1.42 -31.18
C ASN C 37 -15.13 -1.42 -30.70
N LEU C 38 -14.73 -0.36 -30.02
CA LEU C 38 -13.54 -0.37 -29.19
C LEU C 38 -13.93 -0.25 -27.71
N ARG C 39 -13.16 -0.91 -26.86
CA ARG C 39 -13.28 -0.76 -25.43
C ARG C 39 -12.68 0.57 -25.03
N ARG C 40 -13.47 1.37 -24.32
CA ARG C 40 -12.98 2.66 -23.82
C ARG C 40 -11.75 2.51 -22.93
N GLY C 41 -10.90 3.51 -22.97
CA GLY C 41 -9.81 3.56 -22.04
C GLY C 41 -10.27 4.07 -20.67
N ALA C 42 -9.30 4.23 -19.78
CA ALA C 42 -9.56 4.68 -18.43
C ALA C 42 -9.83 6.17 -18.38
N ASP C 43 -10.63 6.57 -17.39
CA ASP C 43 -10.70 7.95 -16.91
C ASP C 43 -9.60 8.25 -15.89
N GLY C 44 -9.11 9.49 -15.92
CA GLY C 44 -8.25 9.94 -14.83
C GLY C 44 -9.02 10.14 -13.54
N ASN C 45 -10.32 10.46 -13.63
CA ASN C 45 -11.21 10.41 -12.48
C ASN C 45 -11.03 9.11 -11.72
N THR C 46 -10.92 9.20 -10.41
CA THR C 46 -10.93 7.98 -9.62
C THR C 46 -12.35 7.53 -9.25
N ASP C 47 -13.36 8.32 -9.59
CA ASP C 47 -14.71 8.05 -9.10
C ASP C 47 -15.69 7.74 -10.22
N SER C 48 -15.33 6.81 -11.11
CA SER C 48 -16.12 6.54 -12.30
C SER C 48 -16.00 5.06 -12.67
N PRO C 49 -17.00 4.50 -13.34
CA PRO C 49 -16.88 3.09 -13.79
C PRO C 49 -15.80 2.89 -14.83
N PHE C 50 -15.24 3.96 -15.38
CA PHE C 50 -14.08 3.85 -16.24
C PHE C 50 -12.83 4.37 -15.55
N ALA C 51 -12.87 4.53 -14.23
CA ALA C 51 -11.67 4.89 -13.51
C ALA C 51 -10.60 3.83 -13.73
N ALA C 52 -9.37 4.28 -13.98
CA ALA C 52 -8.23 3.39 -13.97
C ALA C 52 -8.22 2.56 -12.70
N ASN C 53 -7.76 1.32 -12.82
CA ASN C 53 -7.41 0.56 -11.64
C ASN C 53 -6.10 1.10 -11.07
N THR C 54 -6.08 1.34 -9.75
CA THR C 54 -4.86 1.59 -9.01
C THR C 54 -4.69 0.65 -7.81
N ASP C 55 -5.50 -0.41 -7.71
CA ASP C 55 -5.36 -1.43 -6.67
C ASP C 55 -4.35 -2.46 -7.15
N GLU C 56 -3.19 -2.50 -6.50
CA GLU C 56 -2.13 -3.42 -6.87
C GLU C 56 -2.60 -4.88 -6.87
N ALA C 57 -3.53 -5.24 -5.98
CA ALA C 57 -4.03 -6.62 -5.95
C ALA C 57 -4.81 -7.02 -7.20
N LYS C 58 -5.31 -6.08 -7.99
CA LYS C 58 -6.09 -6.39 -9.17
C LYS C 58 -5.34 -6.18 -10.48
N ALA C 59 -4.01 -6.05 -10.41
CA ALA C 59 -3.24 -5.51 -11.52
C ALA C 59 -2.59 -6.55 -12.41
N ASN C 60 -2.58 -7.82 -11.99
CA ASN C 60 -1.64 -8.78 -12.55
C ASN C 60 -2.27 -9.97 -13.27
N THR C 61 -3.59 -9.98 -13.47
CA THR C 61 -4.23 -11.16 -14.07
C THR C 61 -3.54 -11.60 -15.36
N ALA C 62 -3.30 -10.67 -16.28
CA ALA C 62 -2.82 -11.08 -17.60
C ALA C 62 -1.31 -11.35 -17.64
N LEU C 63 -0.59 -11.25 -16.53
CA LEU C 63 0.83 -11.52 -16.58
C LEU C 63 1.12 -12.98 -16.92
N ASP C 64 0.22 -13.91 -16.61
N ASP C 64 0.18 -13.89 -16.61
CA ASP C 64 0.49 -15.30 -16.96
CA ASP C 64 0.34 -15.30 -16.92
C ASP C 64 0.68 -15.49 -18.45
C ASP C 64 0.41 -15.59 -18.42
N SER C 65 0.12 -14.60 -19.27
CA SER C 65 0.25 -14.73 -20.71
C SER C 65 1.47 -13.99 -21.25
N LEU C 66 2.40 -13.60 -20.36
CA LEU C 66 3.58 -12.86 -20.77
C LEU C 66 4.35 -13.66 -21.82
N PRO C 67 4.60 -13.11 -23.00
CA PRO C 67 5.38 -13.81 -24.00
C PRO C 67 6.77 -14.16 -23.49
N PRO C 68 7.23 -15.39 -23.71
CA PRO C 68 8.57 -15.77 -23.24
C PRO C 68 9.67 -14.97 -23.90
N LEU C 69 10.47 -14.31 -23.08
CA LEU C 69 11.58 -13.51 -23.60
C LEU C 69 12.52 -14.36 -24.44
N LEU C 70 12.85 -15.58 -23.99
CA LEU C 70 13.94 -16.35 -24.57
C LEU C 70 13.45 -17.47 -25.48
N THR C 71 12.30 -17.27 -26.12
CA THR C 71 11.90 -18.06 -27.27
C THR C 71 11.90 -17.14 -28.48
N SER C 72 12.65 -17.52 -29.51
CA SER C 72 12.71 -16.75 -30.72
C SER C 72 11.35 -16.76 -31.42
N VAL C 73 11.22 -15.87 -32.41
CA VAL C 73 10.04 -15.85 -33.25
C VAL C 73 9.88 -17.16 -33.99
N SER C 74 10.98 -17.80 -34.35
CA SER C 74 10.95 -19.09 -35.00
C SER C 74 10.63 -20.24 -34.06
N GLY C 75 10.58 -20.00 -32.74
CA GLY C 75 10.21 -21.02 -31.79
C GLY C 75 11.38 -21.71 -31.11
N GLN C 76 12.60 -21.26 -31.35
CA GLN C 76 13.78 -21.87 -30.80
C GLN C 76 14.21 -21.17 -29.50
N ALA C 77 14.91 -21.90 -28.64
CA ALA C 77 15.37 -21.31 -27.41
C ALA C 77 16.52 -20.36 -27.67
N ILE C 78 16.48 -19.20 -27.01
CA ILE C 78 17.56 -18.22 -27.06
C ILE C 78 18.51 -18.49 -25.90
N ALA C 79 19.73 -18.88 -26.22
CA ALA C 79 20.68 -19.38 -25.22
C ALA C 79 21.99 -18.61 -25.20
N SER C 80 22.16 -17.62 -26.06
CA SER C 80 23.40 -16.88 -26.12
C SER C 80 23.12 -15.50 -26.65
N ALA C 81 24.06 -14.60 -26.44
CA ALA C 81 23.95 -13.29 -27.02
C ALA C 81 23.82 -13.38 -28.53
N THR C 82 24.49 -14.36 -29.13
CA THR C 82 24.45 -14.55 -30.57
C THR C 82 23.03 -14.93 -31.02
N ASP C 83 22.37 -15.81 -30.28
CA ASP C 83 20.98 -16.14 -30.54
C ASP C 83 20.08 -14.93 -30.37
N TRP C 84 20.38 -14.08 -29.39
CA TRP C 84 19.56 -12.90 -29.19
C TRP C 84 19.65 -11.97 -30.40
N GLU C 85 20.87 -11.69 -30.83
CA GLU C 85 21.08 -10.84 -32.00
C GLU C 85 20.45 -11.44 -33.24
N ALA C 86 20.42 -12.77 -33.33
CA ALA C 86 19.89 -13.41 -34.53
C ALA C 86 18.39 -13.23 -34.62
N ASN C 87 17.73 -13.15 -33.46
CA ASN C 87 16.30 -13.01 -33.38
C ASN C 87 15.85 -11.56 -33.46
N ARG C 88 16.79 -10.63 -33.34
CA ARG C 88 16.45 -9.23 -33.18
C ARG C 88 15.69 -8.65 -34.37
N PRO C 89 16.09 -8.86 -35.63
CA PRO C 89 15.25 -8.34 -36.72
C PRO C 89 13.82 -8.87 -36.70
N ALA C 90 13.62 -10.13 -36.29
CA ALA C 90 12.27 -10.68 -36.29
C ALA C 90 11.43 -10.12 -35.15
N LEU C 91 12.07 -9.86 -34.02
CA LEU C 91 11.36 -9.26 -32.89
C LEU C 91 10.98 -7.84 -33.22
N LEU C 92 11.92 -7.10 -33.79
CA LEU C 92 11.64 -5.72 -34.20
C LEU C 92 10.51 -5.68 -35.22
N ASN C 93 10.44 -6.67 -36.11
CA ASN C 93 9.41 -6.65 -37.15
C ASN C 93 8.02 -6.77 -36.56
N THR C 94 7.84 -7.61 -35.56
CA THR C 94 6.56 -7.69 -34.83
C THR C 94 6.17 -6.36 -34.20
N PHE C 95 7.12 -5.70 -33.52
CA PHE C 95 6.87 -4.37 -32.98
C PHE C 95 6.49 -3.41 -34.08
N SER C 96 7.13 -3.53 -35.23
CA SER C 96 6.78 -2.64 -36.33
C SER C 96 5.36 -2.91 -36.80
N GLN C 97 5.04 -4.16 -37.10
CA GLN C 97 3.76 -4.41 -37.77
C GLN C 97 2.59 -4.12 -36.84
N GLU C 98 2.68 -4.57 -35.59
CA GLU C 98 1.52 -4.59 -34.70
C GLU C 98 1.48 -3.46 -33.68
N ILE C 99 2.62 -2.87 -33.31
CA ILE C 99 2.64 -1.90 -32.22
C ILE C 99 2.91 -0.48 -32.72
N TYR C 100 4.14 -0.20 -33.14
CA TYR C 100 4.53 1.18 -33.47
C TYR C 100 4.55 1.51 -34.95
N GLY C 101 4.50 0.52 -35.83
CA GLY C 101 4.45 0.83 -37.25
C GLY C 101 5.83 0.87 -37.89
N TYR C 102 5.85 0.59 -39.18
CA TYR C 102 7.08 0.65 -39.96
C TYR C 102 7.47 2.07 -40.33
N VAL C 103 8.77 2.32 -40.29
CA VAL C 103 9.38 3.43 -41.00
C VAL C 103 9.35 3.06 -42.48
N PRO C 104 8.60 3.75 -43.31
CA PRO C 104 8.62 3.42 -44.74
C PRO C 104 10.02 3.65 -45.30
N GLY C 105 10.35 2.88 -46.34
CA GLY C 105 11.65 3.07 -46.95
C GLY C 105 11.79 4.42 -47.60
N GLY C 106 10.67 5.03 -47.95
CA GLY C 106 10.65 6.34 -48.55
C GLY C 106 10.97 7.47 -47.63
N ALA C 107 11.21 7.18 -46.38
CA ALA C 107 11.58 8.25 -45.49
C ALA C 107 12.90 8.82 -45.97
N PRO C 108 13.04 10.14 -46.04
CA PRO C 108 14.20 10.75 -46.70
C PRO C 108 15.41 10.88 -45.78
N GLU C 109 16.58 10.92 -46.41
CA GLU C 109 17.79 11.42 -45.75
C GLU C 109 17.62 12.91 -45.51
N LEU C 110 17.98 13.38 -44.32
CA LEU C 110 17.87 14.79 -44.01
C LEU C 110 19.22 15.43 -44.20
N HIS C 111 19.23 16.58 -44.87
CA HIS C 111 20.45 17.36 -45.03
C HIS C 111 20.36 18.61 -44.15
N TRP C 112 21.27 18.70 -43.20
CA TRP C 112 21.23 19.77 -42.20
C TRP C 112 22.13 20.92 -42.62
N LYS C 113 21.66 22.15 -42.38
CA LYS C 113 22.46 23.34 -42.47
C LYS C 113 22.51 24.02 -41.10
N ALA C 114 23.67 24.56 -40.76
CA ALA C 114 23.89 25.17 -39.44
C ALA C 114 23.95 26.68 -39.54
N GLY C 115 23.41 27.34 -38.53
CA GLY C 115 23.63 28.76 -38.35
C GLY C 115 24.95 29.02 -37.64
N SER C 116 25.14 30.27 -37.28
CA SER C 116 26.34 30.63 -36.55
C SER C 116 26.23 30.18 -35.10
N THR C 117 27.37 29.89 -34.48
CA THR C 117 27.42 29.66 -33.06
C THR C 117 27.33 30.96 -32.27
N THR C 118 27.01 30.82 -30.99
CA THR C 118 27.04 31.90 -30.02
C THR C 118 27.29 31.27 -28.65
N PRO C 119 27.92 32.01 -27.74
CA PRO C 119 27.96 31.52 -26.35
C PRO C 119 26.61 31.73 -25.70
N ILE C 120 26.26 30.81 -24.82
CA ILE C 120 24.93 30.87 -24.19
C ILE C 120 24.91 31.96 -23.13
N ASP C 121 26.02 32.17 -22.42
CA ASP C 121 26.12 33.26 -21.46
C ASP C 121 27.45 33.99 -21.61
N ASP C 122 27.77 34.87 -20.67
CA ASP C 122 28.87 35.82 -20.80
C ASP C 122 30.20 35.28 -20.27
N SER C 123 30.29 33.98 -19.98
CA SER C 123 31.50 33.35 -19.45
C SER C 123 32.58 33.20 -20.53
N GLY C 124 33.74 32.72 -20.11
CA GLY C 124 34.81 32.34 -21.03
C GLY C 124 34.94 30.83 -21.10
N THR C 125 34.48 30.14 -20.05
CA THR C 125 34.23 28.71 -20.08
C THR C 125 32.89 28.36 -20.71
N SER C 126 32.24 29.34 -21.33
CA SER C 126 30.85 29.19 -21.74
C SER C 126 30.69 28.05 -22.73
N ALA C 127 29.51 27.44 -22.69
CA ALA C 127 29.09 26.53 -23.73
C ALA C 127 28.67 27.33 -24.96
N ILE C 128 28.52 26.64 -26.08
CA ILE C 128 28.07 27.32 -27.28
C ILE C 128 26.79 26.65 -27.74
N ARG C 129 26.00 27.40 -28.49
CA ARG C 129 24.69 27.02 -28.98
C ARG C 129 24.67 27.17 -30.49
N GLN C 130 24.17 26.16 -31.20
CA GLN C 130 24.07 26.22 -32.65
C GLN C 130 22.76 25.63 -33.16
N HIS C 131 22.05 26.38 -34.00
CA HIS C 131 20.77 25.96 -34.56
C HIS C 131 20.97 25.31 -35.93
N PHE C 132 20.40 24.13 -36.09
CA PHE C 132 20.49 23.34 -37.31
C PHE C 132 19.12 23.23 -37.96
N THR C 133 19.10 23.33 -39.29
CA THR C 133 17.87 23.36 -40.05
C THR C 133 17.95 22.38 -41.21
N SER C 134 16.88 21.61 -41.41
CA SER C 134 16.72 20.76 -42.59
C SER C 134 15.47 21.17 -43.34
N THR C 135 15.60 21.24 -44.67
CA THR C 135 14.51 21.70 -45.52
C THR C 135 14.12 20.56 -46.44
N LEU C 136 12.81 20.27 -46.50
CA LEU C 136 12.29 19.21 -47.34
C LEU C 136 11.28 19.82 -48.31
N VAL C 137 11.63 19.79 -49.58
CA VAL C 137 10.73 20.23 -50.65
C VAL C 137 9.96 19.01 -51.12
N HIS C 138 8.66 19.08 -51.09
CA HIS C 138 7.90 17.93 -51.50
C HIS C 138 7.81 17.84 -53.03
N PRO C 139 7.81 16.62 -53.58
CA PRO C 139 7.84 16.47 -55.05
C PRO C 139 6.53 16.77 -55.74
N GLU C 140 5.40 16.76 -55.05
CA GLU C 140 4.09 16.93 -55.69
C GLU C 140 3.30 18.07 -55.11
N ASN C 141 3.43 18.36 -53.82
CA ASN C 141 2.51 19.27 -53.17
C ASN C 141 3.30 20.11 -52.17
N ALA C 142 3.43 21.42 -52.46
CA ALA C 142 4.27 22.27 -51.65
C ALA C 142 3.69 22.47 -50.27
N ALA C 143 2.40 22.24 -50.12
CA ALA C 143 1.74 22.31 -48.82
C ALA C 143 2.30 21.31 -47.83
N LEU C 144 3.03 20.29 -48.29
CA LEU C 144 3.65 19.35 -47.39
C LEU C 144 5.11 19.69 -47.12
N ASN C 145 5.66 20.76 -47.71
CA ASN C 145 7.05 21.11 -47.45
C ASN C 145 7.29 21.17 -45.94
N LEU C 146 8.47 20.77 -45.52
CA LEU C 146 8.80 20.79 -44.10
C LEU C 146 10.08 21.56 -43.87
N SER C 147 10.11 22.24 -42.74
CA SER C 147 11.29 22.92 -42.24
C SER C 147 11.52 22.41 -40.83
N LEU C 148 12.61 21.68 -40.65
CA LEU C 148 12.87 20.93 -39.43
C LEU C 148 14.12 21.45 -38.75
N ASN C 149 14.11 21.43 -37.43
CA ASN C 149 15.12 22.10 -36.62
C ASN C 149 15.57 21.22 -35.48
N PHE C 150 16.81 21.39 -35.10
CA PHE C 150 17.27 20.97 -33.80
C PHE C 150 18.30 21.99 -33.34
N THR C 151 18.53 22.00 -32.05
CA THR C 151 19.43 22.96 -31.43
C THR C 151 20.52 22.20 -30.72
N LEU C 152 21.76 22.52 -31.07
CA LEU C 152 22.91 21.90 -30.44
C LEU C 152 23.55 22.84 -29.44
N VAL C 153 23.90 22.29 -28.29
CA VAL C 153 24.63 23.00 -27.27
C VAL C 153 25.79 22.14 -26.85
N LEU C 154 26.97 22.71 -26.85
CA LEU C 154 28.21 22.00 -26.57
C LEU C 154 29.02 22.74 -25.52
N PRO C 155 29.67 22.02 -24.64
CA PRO C 155 30.70 22.63 -23.79
C PRO C 155 31.97 22.89 -24.56
N LYS C 156 32.81 23.79 -24.04
CA LYS C 156 34.12 24.01 -24.64
C LYS C 156 34.99 22.80 -24.33
N SER C 157 35.61 22.22 -25.36
CA SER C 157 36.40 21.01 -25.16
C SER C 157 37.50 20.90 -26.22
N ASN C 158 38.58 20.21 -25.86
CA ASN C 158 39.63 19.91 -26.82
C ASN C 158 39.46 18.51 -27.41
N LYS C 159 38.36 17.85 -27.08
CA LYS C 159 38.13 16.47 -27.48
C LYS C 159 36.66 16.28 -27.73
N PRO C 160 36.27 15.28 -28.53
CA PRO C 160 34.83 15.01 -28.75
C PRO C 160 34.12 14.71 -27.45
N VAL C 161 32.91 15.23 -27.32
CA VAL C 161 32.14 15.07 -26.09
C VAL C 161 30.89 14.24 -26.32
N PRO C 162 30.39 13.53 -25.31
CA PRO C 162 29.07 12.92 -25.42
C PRO C 162 27.98 13.96 -25.59
N VAL C 163 26.91 13.56 -26.29
CA VAL C 163 25.78 14.43 -26.54
C VAL C 163 24.54 13.61 -26.30
N VAL C 164 23.58 14.19 -25.57
CA VAL C 164 22.30 13.55 -25.29
C VAL C 164 21.28 14.21 -26.19
N VAL C 165 20.59 13.40 -26.98
CA VAL C 165 19.48 13.88 -27.80
C VAL C 165 18.24 13.95 -26.91
N VAL C 166 17.67 15.14 -26.79
CA VAL C 166 16.60 15.40 -25.85
C VAL C 166 15.34 15.72 -26.63
N SER C 168 11.71 17.40 -26.26
CA SER C 168 11.16 18.37 -25.33
C SER C 168 9.82 18.85 -25.86
N PHE C 169 8.91 19.14 -24.93
CA PHE C 169 7.66 19.79 -25.29
C PHE C 169 7.94 21.21 -25.75
N ASP C 170 7.05 21.73 -26.60
CA ASP C 170 7.16 23.13 -26.99
C ASP C 170 7.30 23.98 -25.73
N PRO C 171 8.32 24.81 -25.61
CA PRO C 171 8.57 25.47 -24.32
C PRO C 171 7.41 26.34 -23.87
N GLY C 172 6.47 26.67 -24.77
CA GLY C 172 5.36 27.54 -24.45
C GLY C 172 4.02 26.84 -24.29
N ILE C 173 4.03 25.59 -23.83
CA ILE C 173 2.76 25.00 -23.43
C ILE C 173 2.39 25.48 -22.03
N TRP C 174 3.38 25.86 -21.23
CA TRP C 174 3.08 26.27 -19.87
C TRP C 174 2.60 27.71 -19.79
N GLU C 175 2.94 28.54 -20.78
CA GLU C 175 2.61 29.95 -20.71
C GLU C 175 1.11 30.18 -20.76
N ARG C 176 0.41 29.38 -21.56
CA ARG C 176 -1.06 29.38 -21.56
C ARG C 176 -1.62 29.57 -20.15
N PHE C 177 -1.08 28.83 -19.18
CA PHE C 177 -1.55 28.89 -17.80
C PHE C 177 -0.79 29.99 -17.04
N ARG C 178 0.48 29.74 -16.72
CA ARG C 178 1.32 30.72 -16.04
C ARG C 178 0.59 31.31 -14.83
N ASP C 179 -0.37 32.19 -15.09
CA ASP C 179 -0.99 32.95 -14.01
C ASP C 179 -1.99 32.12 -13.21
N ARG C 180 -2.60 31.10 -13.83
CA ARG C 180 -3.69 30.37 -13.19
C ARG C 180 -3.23 29.24 -12.30
N PRO C 182 -0.37 27.38 -9.47
CA PRO C 182 0.47 27.81 -8.34
C PRO C 182 1.82 28.33 -8.84
N ALA C 183 2.18 29.54 -8.40
CA ALA C 183 3.41 30.16 -8.88
C ALA C 183 4.63 29.36 -8.45
N GLU C 184 4.58 28.69 -7.30
CA GLU C 184 5.71 27.84 -6.88
C GLU C 184 5.91 26.68 -7.84
N ARG C 185 4.84 26.29 -8.55
CA ARG C 185 4.95 25.23 -9.53
C ARG C 185 5.49 25.76 -10.85
N TYR C 186 4.97 26.90 -11.32
CA TYR C 186 5.54 27.56 -12.49
C TYR C 186 7.02 27.82 -12.28
N ALA C 187 7.37 28.36 -11.12
CA ALA C 187 8.78 28.58 -10.81
C ALA C 187 9.56 27.29 -10.90
N GLN C 188 9.05 26.23 -10.28
CA GLN C 188 9.78 24.97 -10.24
C GLN C 188 10.02 24.42 -11.63
N ILE C 189 9.08 24.64 -12.55
CA ILE C 189 9.24 24.15 -13.92
C ILE C 189 10.42 24.88 -14.54
N GLN C 190 10.30 26.20 -14.69
CA GLN C 190 11.38 26.98 -15.27
C GLN C 190 12.70 26.63 -14.61
N ALA C 191 12.72 26.56 -13.29
CA ALA C 191 13.91 26.12 -12.59
C ALA C 191 14.40 24.78 -13.10
N ASP C 192 13.48 23.83 -13.28
CA ASP C 192 13.89 22.51 -13.76
C ASP C 192 14.38 22.59 -15.21
N ASN C 193 13.75 23.43 -16.02
CA ASN C 193 14.19 23.59 -17.40
C ASN C 193 15.64 24.05 -17.46
N ALA C 194 16.01 25.02 -16.62
CA ALA C 194 17.38 25.52 -16.63
C ALA C 194 18.36 24.51 -16.05
N ARG C 195 17.91 23.67 -15.13
CA ARG C 195 18.86 22.94 -14.32
C ARG C 195 19.51 21.76 -15.06
N TRP C 196 18.71 21.00 -15.84
CA TRP C 196 19.29 19.85 -16.55
C TRP C 196 20.26 20.33 -17.63
N ARG C 197 19.93 21.40 -18.34
CA ARG C 197 20.85 21.97 -19.31
C ARG C 197 22.20 22.26 -18.67
N GLU C 198 22.16 22.78 -17.44
CA GLU C 198 23.38 23.13 -16.74
C GLU C 198 24.11 21.89 -16.25
N GLN C 199 23.37 20.88 -15.80
CA GLN C 199 24.02 19.64 -15.37
C GLN C 199 24.68 18.93 -16.55
N VAL C 200 24.05 18.97 -17.72
CA VAL C 200 24.64 18.31 -18.87
C VAL C 200 25.98 18.95 -19.21
N VAL C 201 25.98 20.27 -19.39
CA VAL C 201 27.19 20.99 -19.74
C VAL C 201 28.26 20.83 -18.67
N ASN C 202 27.90 21.05 -17.39
CA ASN C 202 28.89 20.92 -16.32
C ASN C 202 29.49 19.53 -16.27
N ALA C 203 28.81 18.54 -16.83
CA ALA C 203 29.34 17.20 -16.85
C ALA C 203 30.30 16.95 -18.00
N GLY C 204 30.48 17.90 -18.90
CA GLY C 204 31.31 17.66 -20.06
C GLY C 204 30.55 17.12 -21.25
N TRP C 205 29.21 17.16 -21.21
CA TRP C 205 28.34 16.70 -22.27
C TRP C 205 27.79 17.90 -23.01
N GLY C 206 27.37 17.66 -24.25
CA GLY C 206 26.42 18.54 -24.91
C GLY C 206 25.04 17.92 -24.93
N TYR C 207 24.12 18.61 -25.58
CA TYR C 207 22.80 18.07 -25.84
C TYR C 207 22.28 18.60 -27.17
N ALA C 208 21.43 17.80 -27.82
CA ALA C 208 20.80 18.19 -29.07
C ALA C 208 19.31 18.03 -28.88
N GLU C 209 18.60 19.14 -28.93
CA GLU C 209 17.23 19.23 -28.47
C GLU C 209 16.32 19.39 -29.66
N ILE C 210 15.29 18.54 -29.74
CA ILE C 210 14.24 18.69 -30.73
C ILE C 210 12.89 18.83 -30.04
N ILE C 211 11.99 19.53 -30.71
CA ILE C 211 10.59 19.58 -30.34
C ILE C 211 9.88 18.58 -31.25
N PRO C 212 9.60 17.38 -30.79
CA PRO C 212 9.11 16.35 -31.72
C PRO C 212 7.83 16.74 -32.44
N THR C 213 6.99 17.59 -31.86
CA THR C 213 5.75 17.95 -32.53
C THR C 213 5.98 18.83 -33.73
N GLU C 214 7.17 19.37 -33.91
CA GLU C 214 7.49 20.04 -35.17
C GLU C 214 7.79 19.04 -36.28
N PHE C 215 8.08 17.79 -35.93
CA PHE C 215 8.30 16.76 -36.94
C PHE C 215 7.01 16.01 -37.27
N GLN C 216 6.17 15.77 -36.26
CA GLN C 216 4.90 15.06 -36.41
C GLN C 216 3.99 15.52 -35.30
N ALA C 217 2.81 16.01 -35.68
CA ALA C 217 1.92 16.58 -34.69
C ALA C 217 1.45 15.53 -33.71
N ASP C 218 1.11 15.98 -32.50
CA ASP C 218 0.63 15.08 -31.44
C ASP C 218 -0.87 14.92 -31.51
N SER C 219 -1.37 14.57 -32.71
CA SER C 219 -2.80 14.47 -32.94
C SER C 219 -3.07 13.66 -34.20
N GLY C 220 -4.19 12.93 -34.20
CA GLY C 220 -4.65 12.29 -35.43
C GLY C 220 -4.91 13.29 -36.54
N ASP C 221 -5.24 14.54 -36.16
CA ASP C 221 -5.40 15.64 -37.11
C ASP C 221 -4.17 15.80 -38.00
N GLY C 222 -3.00 15.45 -37.50
CA GLY C 222 -1.77 15.71 -38.19
C GLY C 222 -1.18 14.55 -38.96
N LEU C 223 -1.90 13.42 -39.06
CA LEU C 223 -1.26 12.21 -39.58
C LEU C 223 -1.07 12.28 -41.07
N SER C 224 -1.80 13.14 -41.76
CA SER C 224 -1.52 13.44 -43.16
C SER C 224 -0.60 14.64 -43.33
N GLN C 225 0.17 14.99 -42.31
CA GLN C 225 1.10 16.10 -42.37
C GLN C 225 2.34 15.68 -41.59
N GLY C 226 3.24 16.62 -41.35
CA GLY C 226 4.51 16.27 -40.76
C GLY C 226 5.22 15.29 -41.68
N ILE C 227 6.11 14.52 -41.07
CA ILE C 227 6.98 13.65 -41.86
C ILE C 227 6.20 12.45 -42.38
N ILE C 228 5.26 11.95 -41.57
CA ILE C 228 4.43 10.84 -42.02
C ILE C 228 3.64 11.25 -43.24
N GLY C 229 3.05 12.46 -43.19
CA GLY C 229 2.27 12.95 -44.31
C GLY C 229 3.13 13.22 -45.53
N PHE C 230 4.37 13.65 -45.32
CA PHE C 230 5.26 13.96 -46.42
C PHE C 230 5.55 12.70 -47.20
N VAL C 231 5.97 11.66 -46.48
CA VAL C 231 6.29 10.39 -47.10
C VAL C 231 5.07 9.77 -47.76
N ASN C 232 3.89 9.98 -47.20
CA ASN C 232 2.62 9.43 -47.71
C ASN C 232 1.92 10.33 -48.71
N ASN C 233 2.57 11.40 -49.19
CA ASN C 233 1.97 12.28 -50.20
C ASN C 233 0.66 12.85 -49.76
N GLY C 234 0.51 13.07 -48.45
CA GLY C 234 -0.70 13.66 -47.95
C GLY C 234 -1.87 12.69 -47.83
N LYS C 235 -1.67 11.43 -48.10
CA LYS C 235 -2.72 10.42 -48.04
C LYS C 235 -2.83 9.86 -46.63
N PRO C 236 -4.00 9.34 -46.26
CA PRO C 236 -4.10 8.63 -44.99
C PRO C 236 -3.14 7.46 -44.89
N ARG C 237 -2.76 7.14 -43.66
CA ARG C 237 -1.88 6.01 -43.38
C ARG C 237 -2.50 4.69 -43.77
N ASN C 238 -1.62 3.73 -44.16
CA ASN C 238 -1.99 2.31 -44.11
C ASN C 238 -1.75 1.83 -42.68
N PRO C 239 -2.45 0.80 -42.22
CA PRO C 239 -2.41 0.48 -40.79
C PRO C 239 -1.11 -0.07 -40.30
N THR C 240 -0.16 -0.44 -41.16
CA THR C 240 1.16 -0.85 -40.68
C THR C 240 2.19 0.29 -40.70
N ASP C 241 1.82 1.48 -41.16
CA ASP C 241 2.73 2.62 -41.18
C ASP C 241 3.01 3.11 -39.77
N TRP C 242 4.17 3.77 -39.61
CA TRP C 242 4.52 4.39 -38.35
C TRP C 242 3.42 5.31 -37.83
N GLY C 243 3.35 5.42 -36.50
CA GLY C 243 2.67 6.50 -35.85
C GLY C 243 3.64 7.49 -35.24
N ALA C 244 3.10 8.40 -34.41
CA ALA C 244 3.92 9.53 -33.96
C ALA C 244 5.08 9.08 -33.08
N LEU C 245 4.92 8.03 -32.28
CA LEU C 245 6.03 7.68 -31.41
C LEU C 245 7.21 7.17 -32.21
N ARG C 246 6.93 6.40 -33.27
CA ARG C 246 7.99 5.88 -34.13
C ARG C 246 8.57 7.01 -34.97
N ALA C 247 7.73 7.94 -35.41
CA ALA C 247 8.23 9.08 -36.17
C ALA C 247 9.09 10.01 -35.31
N TRP C 248 8.68 10.24 -34.03
CA TRP C 248 9.51 11.01 -33.10
C TRP C 248 10.84 10.30 -32.83
N ALA C 249 10.80 8.98 -32.64
CA ALA C 249 12.06 8.24 -32.46
C ALA C 249 12.93 8.32 -33.71
N TRP C 250 12.33 8.22 -34.88
CA TRP C 250 13.08 8.40 -36.12
C TRP C 250 13.70 9.78 -36.20
N SER C 251 12.97 10.78 -35.75
CA SER C 251 13.52 12.13 -35.76
C SER C 251 14.79 12.18 -34.93
N ALA C 252 14.73 11.61 -33.73
CA ALA C 252 15.92 11.50 -32.90
C ALA C 252 17.05 10.81 -33.62
N SER C 253 16.72 9.72 -34.34
CA SER C 253 17.73 8.97 -35.07
C SER C 253 18.41 9.83 -36.13
N GLN C 254 17.64 10.66 -36.84
CA GLN C 254 18.25 11.51 -37.84
C GLN C 254 19.22 12.50 -37.19
N VAL C 255 18.91 12.93 -35.98
CA VAL C 255 19.82 13.85 -35.28
C VAL C 255 21.10 13.13 -34.95
N LEU C 256 21.00 11.89 -34.47
CA LEU C 256 22.20 11.12 -34.19
C LEU C 256 23.03 10.91 -35.46
N THR C 257 22.35 10.64 -36.57
CA THR C 257 23.07 10.46 -37.84
C THR C 257 23.89 11.70 -38.14
N TYR C 258 23.30 12.88 -38.01
CA TYR C 258 24.09 14.10 -38.14
C TYR C 258 25.23 14.12 -37.13
N LEU C 259 24.92 13.91 -35.86
CA LEU C 259 25.94 14.09 -34.84
C LEU C 259 27.14 13.19 -35.08
N GLN C 260 26.94 12.05 -35.73
CA GLN C 260 28.05 11.13 -35.96
C GLN C 260 28.97 11.60 -37.10
N THR C 261 28.66 12.70 -37.77
CA THR C 261 29.54 13.33 -38.73
C THR C 261 30.20 14.59 -38.18
N ASP C 262 29.99 14.92 -36.90
CA ASP C 262 30.42 16.18 -36.31
C ASP C 262 31.53 15.85 -35.33
N SER C 263 32.76 16.25 -35.67
CA SER C 263 33.93 15.84 -34.90
C SER C 263 33.97 16.44 -33.50
N ARG C 264 33.16 17.45 -33.20
CA ARG C 264 33.02 17.89 -31.81
C ARG C 264 32.32 16.87 -30.93
N VAL C 265 31.72 15.81 -31.50
CA VAL C 265 30.85 14.88 -30.77
C VAL C 265 31.49 13.50 -30.72
N ALA C 266 31.54 12.92 -29.53
CA ALA C 266 31.92 11.52 -29.41
C ALA C 266 30.79 10.65 -29.98
N ALA C 267 31.11 9.88 -31.02
CA ALA C 267 30.07 9.22 -31.81
C ALA C 267 29.51 7.99 -31.11
N ASP C 268 30.30 7.36 -30.25
CA ASP C 268 29.85 6.22 -29.46
C ASP C 268 29.32 6.64 -28.10
N ARG C 269 28.99 7.92 -27.91
CA ARG C 269 28.43 8.40 -26.66
C ARG C 269 27.29 9.37 -26.92
N ILE C 270 26.47 9.07 -27.93
CA ILE C 270 25.27 9.85 -28.22
C ILE C 270 24.10 9.11 -27.58
N SER C 271 23.49 9.71 -26.58
CA SER C 271 22.43 9.05 -25.84
C SER C 271 21.10 9.72 -26.17
N VAL C 272 20.01 9.19 -25.61
CA VAL C 272 18.66 9.66 -25.93
C VAL C 272 17.83 9.81 -24.65
N HIS C 273 17.05 10.88 -24.58
CA HIS C 273 16.23 11.11 -23.40
C HIS C 273 14.88 11.63 -23.82
N GLY C 274 13.86 11.18 -23.12
CA GLY C 274 12.53 11.72 -23.28
C GLY C 274 11.72 11.43 -22.03
N HIS C 275 10.71 12.27 -21.82
CA HIS C 275 9.85 12.23 -20.65
C HIS C 275 8.40 12.04 -21.06
N SER C 276 7.69 11.16 -20.36
CA SER C 276 6.23 11.06 -20.57
C SER C 276 5.97 10.47 -21.97
N ARG C 277 5.14 11.10 -22.80
CA ARG C 277 4.91 10.55 -24.14
C ARG C 277 6.22 10.47 -24.94
N PHE C 278 7.14 11.38 -24.67
CA PHE C 278 8.46 11.30 -25.29
C PHE C 278 9.34 10.30 -24.60
N GLY C 279 8.98 9.89 -23.39
CA GLY C 279 9.65 8.74 -22.82
C GLY C 279 9.32 7.47 -23.57
N LYS C 280 8.08 7.35 -24.07
CA LYS C 280 7.76 6.20 -24.90
C LYS C 280 8.57 6.24 -26.19
N ALA C 281 8.57 7.38 -26.89
CA ALA C 281 9.34 7.54 -28.11
C ALA C 281 10.82 7.31 -27.88
N ALA C 282 11.36 7.79 -26.78
CA ALA C 282 12.79 7.62 -26.57
C ALA C 282 13.16 6.17 -26.37
N LEU C 283 12.29 5.37 -25.75
CA LEU C 283 12.55 3.94 -25.63
C LEU C 283 12.37 3.22 -26.97
N VAL C 284 11.39 3.62 -27.77
CA VAL C 284 11.32 3.13 -29.15
C VAL C 284 12.62 3.42 -29.91
N ALA C 285 13.14 4.66 -29.82
CA ALA C 285 14.41 4.95 -30.48
C ALA C 285 15.52 4.07 -29.97
N ALA C 287 15.49 1.15 -28.66
CA ALA C 287 15.43 -0.28 -29.01
C ALA C 287 15.68 -0.50 -30.49
N PHE C 288 15.11 0.37 -31.34
CA PHE C 288 15.22 0.25 -32.79
C PHE C 288 16.57 0.72 -33.34
N ASP C 289 17.20 1.71 -32.70
CA ASP C 289 18.42 2.31 -33.22
C ASP C 289 19.52 1.97 -32.24
N ASN C 290 20.27 0.89 -32.53
CA ASN C 290 21.33 0.49 -31.61
C ASN C 290 22.53 1.40 -31.67
N ARG C 291 22.47 2.51 -32.40
CA ARG C 291 23.55 3.48 -32.33
C ARG C 291 23.48 4.38 -31.08
N PHE C 292 22.33 4.49 -30.43
CA PHE C 292 22.25 5.26 -29.20
C PHE C 292 22.98 4.53 -28.08
N ALA C 293 23.89 5.22 -27.40
CA ALA C 293 24.79 4.60 -26.43
C ALA C 293 24.18 4.43 -25.05
N ALA C 294 23.16 5.22 -24.71
CA ALA C 294 22.46 5.11 -23.43
C ALA C 294 21.09 5.77 -23.55
N GLY C 295 20.16 5.31 -22.73
CA GLY C 295 18.80 5.84 -22.72
C GLY C 295 18.33 6.23 -21.35
N PHE C 296 17.70 7.39 -21.25
CA PHE C 296 17.13 7.96 -20.04
C PHE C 296 15.62 8.03 -20.28
N ILE C 297 14.92 6.97 -19.85
CA ILE C 297 13.51 6.76 -20.18
C ILE C 297 12.65 7.19 -18.99
N SER C 298 12.02 8.35 -19.08
CA SER C 298 11.40 8.98 -17.93
C SER C 298 9.88 8.85 -17.96
N SER C 299 9.32 8.22 -16.92
CA SER C 299 7.87 8.18 -16.73
C SER C 299 7.13 7.87 -18.03
N SER C 300 7.58 6.81 -18.75
CA SER C 300 7.06 6.54 -20.09
C SER C 300 5.66 5.90 -20.05
N GLY C 301 5.38 5.06 -19.06
CA GLY C 301 4.03 4.54 -18.94
C GLY C 301 3.62 3.62 -20.09
N GLU C 302 2.33 3.65 -20.37
CA GLU C 302 1.72 2.67 -21.25
C GLU C 302 2.18 2.92 -22.68
N GLY C 303 2.65 1.88 -23.35
CA GLY C 303 3.25 2.07 -24.66
C GLY C 303 4.75 2.33 -24.58
N GLY C 304 5.29 2.36 -23.37
CA GLY C 304 6.70 2.51 -23.15
C GLY C 304 7.18 1.44 -22.23
N ALA C 305 7.77 1.82 -21.09
CA ALA C 305 8.37 0.81 -20.24
C ALA C 305 7.35 -0.05 -19.48
N LYS C 306 6.08 0.40 -19.35
CA LYS C 306 5.06 -0.37 -18.64
C LYS C 306 4.61 -1.60 -19.44
N LEU C 307 4.50 -2.73 -18.75
CA LEU C 307 3.87 -3.89 -19.35
C LEU C 307 2.43 -3.59 -19.72
N TRP C 308 2.07 -3.89 -20.97
CA TRP C 308 0.65 -3.86 -21.37
C TRP C 308 -0.20 -4.74 -20.47
N ARG C 309 0.32 -5.90 -20.10
CA ARG C 309 -0.41 -6.91 -19.38
C ARG C 309 -0.58 -6.58 -17.90
N ARG C 310 -0.10 -5.42 -17.47
CA ARG C 310 -0.46 -4.84 -16.18
C ARG C 310 -1.73 -4.02 -16.31
N ASN C 311 -2.69 -4.24 -15.42
CA ASN C 311 -3.87 -3.39 -15.35
C ASN C 311 -3.66 -2.43 -14.18
N PHE C 312 -3.09 -1.26 -14.49
CA PHE C 312 -2.73 -0.27 -13.47
C PHE C 312 -2.46 1.04 -14.18
N GLY C 313 -3.34 2.02 -14.02
CA GLY C 313 -3.18 3.29 -14.72
C GLY C 313 -3.72 3.28 -16.15
N GLU C 314 -2.95 3.84 -17.08
CA GLU C 314 -3.40 3.98 -18.45
C GLU C 314 -3.54 2.62 -19.12
N GLN C 315 -4.55 2.50 -19.99
CA GLN C 315 -4.99 1.25 -20.59
C GLN C 315 -4.89 1.26 -22.12
N VAL C 316 -4.98 0.05 -22.67
CA VAL C 316 -4.94 -0.16 -24.12
C VAL C 316 -5.99 0.70 -24.77
N GLY C 317 -7.15 0.80 -24.15
CA GLY C 317 -8.21 1.57 -24.73
C GLY C 317 -7.87 3.05 -24.80
N ASN C 318 -6.94 3.50 -23.97
CA ASN C 318 -6.55 4.90 -24.05
C ASN C 318 -5.70 5.11 -25.29
N LEU C 319 -4.82 4.18 -25.57
CA LEU C 319 -3.90 4.32 -26.70
C LEU C 319 -4.53 3.90 -28.00
N ALA C 320 -5.66 3.17 -27.95
CA ALA C 320 -6.39 2.83 -29.14
C ALA C 320 -7.46 3.84 -29.50
N GLY C 321 -7.81 4.74 -28.56
CA GLY C 321 -8.89 5.66 -28.79
C GLY C 321 -8.49 6.82 -29.67
N ALA C 322 -9.50 7.59 -30.08
CA ALA C 322 -9.29 8.68 -31.01
C ALA C 322 -8.33 9.74 -30.49
N GLY C 323 -8.07 9.78 -29.19
CA GLY C 323 -7.23 10.83 -28.65
C GLY C 323 -5.76 10.51 -28.65
N GLU C 324 -5.38 9.23 -28.66
CA GLU C 324 -3.98 8.85 -28.61
C GLU C 324 -3.57 7.80 -29.63
N TYR C 325 -4.50 7.29 -30.45
CA TYR C 325 -4.16 6.24 -31.41
C TYR C 325 -3.00 6.68 -32.34
N HIS C 326 -2.90 7.97 -32.61
CA HIS C 326 -1.91 8.51 -33.56
C HIS C 326 -0.49 8.23 -33.11
N TRP C 327 -0.29 7.90 -31.83
CA TRP C 327 1.00 7.47 -31.32
C TRP C 327 1.44 6.13 -31.89
N ALA C 329 0.96 2.31 -34.45
CA ALA C 329 0.51 1.76 -35.72
C ALA C 329 -1.00 1.68 -35.70
N GLY C 330 -1.60 1.99 -36.84
CA GLY C 330 -3.03 1.76 -36.98
C GLY C 330 -3.44 0.37 -36.53
N ASN C 331 -2.63 -0.64 -36.86
CA ASN C 331 -2.92 -2.01 -36.48
C ASN C 331 -3.10 -2.21 -35.00
N PHE C 332 -2.54 -1.33 -34.18
CA PHE C 332 -2.57 -1.56 -32.76
C PHE C 332 -3.98 -1.45 -32.21
N VAL C 333 -4.85 -0.65 -32.84
CA VAL C 333 -6.14 -0.42 -32.22
C VAL C 333 -6.93 -1.71 -32.09
N LYS C 334 -6.58 -2.77 -32.83
CA LYS C 334 -7.36 -4.00 -32.73
C LYS C 334 -7.26 -4.60 -31.33
N TYR C 335 -6.19 -4.31 -30.61
CA TYR C 335 -6.01 -4.90 -29.29
C TYR C 335 -6.92 -4.28 -28.23
N ALA C 336 -7.76 -3.33 -28.62
CA ALA C 336 -8.80 -2.79 -27.77
C ALA C 336 -10.20 -3.17 -28.28
N GLY C 337 -10.28 -4.01 -29.31
CA GLY C 337 -11.56 -4.37 -29.89
C GLY C 337 -11.66 -5.88 -30.09
N PRO C 338 -11.49 -6.35 -31.31
CA PRO C 338 -11.59 -7.80 -31.54
C PRO C 338 -10.52 -8.59 -30.85
N LYS C 339 -9.43 -7.96 -30.44
CA LYS C 339 -8.38 -8.63 -29.70
C LYS C 339 -8.28 -7.98 -28.33
N LYS C 340 -7.51 -8.63 -27.47
CA LYS C 340 -7.34 -8.27 -26.08
C LYS C 340 -5.87 -8.03 -25.79
N VAL C 341 -5.65 -7.61 -24.55
CA VAL C 341 -4.30 -7.38 -24.04
C VAL C 341 -3.49 -8.65 -24.13
N ASN C 342 -4.12 -9.79 -23.84
CA ASN C 342 -3.41 -11.05 -23.85
C ASN C 342 -2.94 -11.42 -25.24
N ASP C 343 -3.57 -10.88 -26.28
CA ASP C 343 -3.20 -11.18 -27.66
C ASP C 343 -2.01 -10.38 -28.15
N ILE C 344 -1.65 -9.30 -27.45
CA ILE C 344 -0.55 -8.46 -27.91
C ILE C 344 0.67 -9.37 -28.05
N PRO C 345 1.23 -9.48 -29.25
CA PRO C 345 2.21 -10.55 -29.53
C PRO C 345 3.56 -10.39 -28.87
N VAL C 346 3.82 -9.25 -28.23
CA VAL C 346 5.04 -8.98 -27.48
C VAL C 346 4.67 -8.11 -26.27
N ASP C 347 5.64 -7.75 -25.45
CA ASP C 347 5.40 -6.85 -24.33
C ASP C 347 6.69 -6.08 -23.99
N ALA C 348 6.57 -5.16 -23.02
CA ALA C 348 7.59 -4.13 -22.78
C ALA C 348 8.90 -4.70 -22.28
N HIS C 349 8.87 -5.88 -21.66
CA HIS C 349 10.13 -6.52 -21.32
C HIS C 349 10.95 -6.84 -22.56
N GLN C 350 10.29 -7.16 -23.66
CA GLN C 350 11.03 -7.42 -24.87
C GLN C 350 11.50 -6.13 -25.50
N LEU C 351 10.76 -5.03 -25.30
CA LEU C 351 11.20 -3.74 -25.81
C LEU C 351 12.46 -3.26 -25.07
N LEU C 352 12.50 -3.46 -23.75
CA LEU C 352 13.72 -3.12 -23.01
C LEU C 352 14.85 -4.07 -23.36
N ALA C 353 14.56 -5.35 -23.47
CA ALA C 353 15.57 -6.33 -23.83
C ALA C 353 16.20 -6.04 -25.19
N LEU C 354 15.44 -5.47 -26.12
CA LEU C 354 16.02 -5.09 -27.41
C LEU C 354 17.05 -3.97 -27.29
N CYS C 355 17.14 -3.31 -26.15
CA CYS C 355 18.22 -2.38 -25.84
C CYS C 355 19.49 -3.05 -25.35
N ALA C 356 19.44 -4.33 -25.01
CA ALA C 356 20.63 -5.00 -24.51
C ALA C 356 21.72 -4.97 -25.58
N PRO C 357 23.00 -4.83 -25.19
CA PRO C 357 23.51 -4.71 -23.82
C PRO C 357 23.73 -3.26 -23.42
N ARG C 358 23.12 -2.34 -24.11
CA ARG C 358 23.39 -0.94 -23.87
C ARG C 358 22.66 -0.42 -22.62
N PRO C 359 23.22 0.61 -21.98
CA PRO C 359 22.69 1.08 -20.69
C PRO C 359 21.41 1.90 -20.82
N VAL C 360 20.43 1.54 -20.00
CA VAL C 360 19.12 2.17 -20.00
C VAL C 360 18.71 2.44 -18.55
N LEU C 361 18.26 3.67 -18.28
CA LEU C 361 17.69 4.03 -16.98
C LEU C 361 16.19 4.21 -17.11
N VAL C 362 15.46 3.35 -16.44
CA VAL C 362 14.01 3.49 -16.29
C VAL C 362 13.75 4.34 -15.06
N SER C 363 13.16 5.50 -15.27
CA SER C 363 12.92 6.49 -14.23
C SER C 363 11.42 6.75 -14.14
N VAL C 364 10.97 7.02 -12.93
CA VAL C 364 9.58 7.34 -12.64
C VAL C 364 9.53 8.13 -11.33
N GLY C 365 8.53 9.00 -11.20
CA GLY C 365 8.29 9.71 -9.96
C GLY C 365 7.62 8.83 -8.90
N SER C 366 7.39 9.42 -7.73
CA SER C 366 6.70 8.73 -6.63
C SER C 366 5.46 9.46 -6.16
N GLN C 367 5.16 10.62 -6.72
CA GLN C 367 4.00 11.39 -6.34
C GLN C 367 3.10 11.55 -7.56
N GLY C 368 1.88 11.03 -7.47
CA GLY C 368 0.88 11.23 -8.52
C GLY C 368 1.23 10.61 -9.85
N GLU C 369 1.88 9.44 -9.84
CA GLU C 369 2.38 8.74 -11.02
C GLU C 369 1.63 7.45 -11.34
N SER C 370 0.41 7.29 -10.84
CA SER C 370 -0.28 6.02 -11.00
C SER C 370 -0.54 5.71 -12.47
N TRP C 371 -0.82 6.75 -13.27
CA TRP C 371 -1.13 6.60 -14.68
C TRP C 371 -0.07 5.82 -15.44
N VAL C 372 1.19 5.90 -15.01
CA VAL C 372 2.29 5.27 -15.73
C VAL C 372 2.75 4.00 -15.06
N ASP C 373 2.12 3.63 -13.95
CA ASP C 373 2.32 2.33 -13.28
C ASP C 373 3.76 2.10 -12.90
N PRO C 374 4.24 2.76 -11.83
CA PRO C 374 5.64 2.58 -11.43
C PRO C 374 6.11 1.15 -11.32
N LYS C 375 5.36 0.27 -10.65
CA LYS C 375 5.79 -1.12 -10.54
C LYS C 375 5.71 -1.86 -11.88
N GLY C 376 4.73 -1.54 -12.71
CA GLY C 376 4.68 -2.13 -14.03
C GLY C 376 5.93 -1.87 -14.84
N LEU C 378 9.05 -1.33 -13.46
CA LEU C 378 10.05 -2.19 -12.82
C LEU C 378 9.93 -3.62 -13.29
N LEU C 379 8.71 -4.14 -13.36
CA LEU C 379 8.50 -5.51 -13.79
C LEU C 379 9.01 -5.74 -15.21
N ALA C 380 8.76 -4.79 -16.12
CA ALA C 380 9.26 -4.96 -17.49
C ALA C 380 10.77 -5.09 -17.49
N ALA C 381 11.44 -4.22 -16.74
CA ALA C 381 12.89 -4.34 -16.57
C ALA C 381 13.27 -5.65 -15.92
N TYR C 382 12.52 -6.06 -14.90
CA TYR C 382 12.81 -7.33 -14.23
C TYR C 382 12.71 -8.50 -15.21
N HIS C 383 11.69 -8.50 -16.05
CA HIS C 383 11.56 -9.62 -16.99
C HIS C 383 12.45 -9.47 -18.22
N ALA C 384 12.94 -8.26 -18.51
CA ALA C 384 13.88 -8.08 -19.63
C ALA C 384 15.28 -8.52 -19.28
N THR C 385 15.64 -8.48 -17.99
CA THR C 385 17.03 -8.69 -17.57
C THR C 385 17.67 -9.96 -18.11
N PRO C 386 17.01 -11.10 -18.18
CA PRO C 386 17.71 -12.29 -18.68
C PRO C 386 18.35 -12.11 -20.06
N ALA C 387 17.87 -11.17 -20.87
CA ALA C 387 18.55 -10.89 -22.13
C ALA C 387 19.87 -10.18 -21.89
N TYR C 388 19.85 -9.18 -21.00
CA TYR C 388 21.09 -8.50 -20.63
C TYR C 388 22.11 -9.52 -20.10
N ALA C 389 21.62 -10.53 -19.37
CA ALA C 389 22.54 -11.53 -18.79
C ALA C 389 23.24 -12.37 -19.85
N LEU C 390 22.65 -12.52 -21.04
CA LEU C 390 23.29 -13.30 -22.08
C LEU C 390 24.52 -12.60 -22.63
N PHE C 391 24.60 -11.28 -22.48
CA PHE C 391 25.79 -10.52 -22.78
C PHE C 391 26.70 -10.42 -21.56
N GLY C 392 26.39 -11.11 -20.48
CA GLY C 392 27.22 -11.06 -19.28
C GLY C 392 27.07 -9.76 -18.54
N GLU C 393 25.93 -9.10 -18.67
CA GLU C 393 25.65 -7.83 -18.04
C GLU C 393 24.53 -8.06 -17.04
N GLN C 394 24.30 -7.06 -16.18
CA GLN C 394 23.31 -7.14 -15.12
C GLN C 394 22.14 -6.20 -15.37
N GLY C 395 21.02 -6.52 -14.73
CA GLY C 395 19.84 -5.68 -14.80
C GLY C 395 19.11 -5.59 -13.48
N VAL C 396 17.79 -5.74 -13.53
CA VAL C 396 16.94 -5.67 -12.35
C VAL C 396 16.59 -7.10 -11.94
N THR C 397 16.79 -7.41 -10.65
CA THR C 397 16.58 -8.76 -10.12
C THR C 397 15.60 -8.81 -8.96
N GLN C 398 14.83 -7.76 -8.72
CA GLN C 398 13.73 -7.85 -7.79
C GLN C 398 12.46 -7.33 -8.47
N ASN C 399 11.32 -7.81 -7.98
CA ASN C 399 10.04 -7.59 -8.61
C ASN C 399 9.09 -6.81 -7.72
N GLU C 400 9.62 -6.10 -6.71
CA GLU C 400 8.86 -5.14 -5.95
C GLU C 400 9.64 -3.82 -5.91
N LEU C 401 8.90 -2.73 -5.84
CA LEU C 401 9.52 -1.42 -5.82
C LEU C 401 10.35 -1.23 -4.56
N PRO C 402 11.59 -0.78 -4.67
CA PRO C 402 12.38 -0.46 -3.46
C PRO C 402 11.89 0.83 -2.82
N ALA C 403 12.55 1.21 -1.73
CA ALA C 403 12.22 2.47 -1.09
C ALA C 403 12.41 3.61 -2.07
N VAL C 404 11.51 4.58 -2.05
CA VAL C 404 11.65 5.71 -2.96
C VAL C 404 13.06 6.24 -2.81
N GLY C 405 13.64 6.67 -3.95
CA GLY C 405 15.00 7.18 -4.00
C GLY C 405 16.09 6.13 -4.01
N ASN C 406 15.79 4.88 -3.73
CA ASN C 406 16.79 3.83 -3.78
C ASN C 406 16.92 3.30 -5.21
N GLY C 407 17.79 3.92 -6.01
CA GLY C 407 17.98 3.46 -7.37
C GLY C 407 18.60 2.07 -7.40
N LEU C 408 18.34 1.34 -8.48
CA LEU C 408 18.93 0.01 -8.75
C LEU C 408 19.86 0.15 -9.95
N LEU C 409 21.15 0.38 -9.69
CA LEU C 409 22.05 0.96 -10.68
C LEU C 409 23.25 0.09 -10.97
N ALA C 410 23.28 -1.14 -10.47
CA ALA C 410 24.44 -1.99 -10.69
C ALA C 410 24.56 -2.43 -12.14
N GLY C 411 23.42 -2.69 -12.80
CA GLY C 411 23.44 -3.26 -14.13
C GLY C 411 23.34 -2.22 -15.23
N LYS C 412 23.55 -2.68 -16.47
CA LYS C 412 23.32 -1.82 -17.63
C LYS C 412 21.84 -1.52 -17.81
N LEU C 413 20.95 -2.41 -17.38
CA LEU C 413 19.53 -2.10 -17.29
C LEU C 413 19.19 -1.70 -15.85
N ALA C 414 18.75 -0.47 -15.67
CA ALA C 414 18.64 0.10 -14.35
C ALA C 414 17.26 0.73 -14.16
N PHE C 415 16.87 0.86 -12.89
CA PHE C 415 15.60 1.47 -12.49
C PHE C 415 15.83 2.34 -11.26
N ARG C 416 15.24 3.54 -11.26
CA ARG C 416 15.21 4.38 -10.06
C ARG C 416 13.91 5.19 -10.06
N GLN C 417 13.14 5.03 -9.01
CA GLN C 417 11.99 5.88 -8.72
C GLN C 417 12.47 7.01 -7.81
N HIS C 418 12.02 8.23 -8.10
CA HIS C 418 12.47 9.38 -7.36
C HIS C 418 11.32 10.00 -6.57
N GLU C 419 11.66 11.03 -5.81
CA GLU C 419 10.78 11.56 -4.78
C GLU C 419 9.88 12.67 -5.29
N GLY C 420 10.00 13.05 -6.56
CA GLY C 420 9.14 14.05 -7.14
C GLY C 420 7.95 13.42 -7.83
N GLY C 421 7.23 14.26 -8.57
CA GLY C 421 6.10 13.81 -9.37
C GLY C 421 6.50 13.41 -10.78
N HIS C 422 5.71 13.86 -11.76
CA HIS C 422 5.82 13.43 -13.16
C HIS C 422 6.85 14.33 -13.84
N THR C 423 8.11 14.07 -13.52
CA THR C 423 9.16 14.93 -14.05
C THR C 423 10.44 14.15 -14.04
N PRO C 424 11.33 14.38 -15.01
CA PRO C 424 12.63 13.72 -14.97
C PRO C 424 13.65 14.41 -14.09
N ALA C 425 13.43 15.68 -13.76
CA ALA C 425 14.48 16.50 -13.17
C ALA C 425 15.21 15.80 -12.04
N PRO C 426 14.55 15.14 -11.08
CA PRO C 426 15.29 14.50 -9.98
C PRO C 426 16.19 13.38 -10.38
N ASN C 427 16.11 12.88 -11.61
CA ASN C 427 16.93 11.74 -12.00
C ASN C 427 18.00 12.11 -13.02
N TRP C 428 18.05 13.36 -13.43
CA TRP C 428 19.07 13.77 -14.39
C TRP C 428 20.47 13.46 -13.87
N GLU C 429 20.74 13.79 -12.60
CA GLU C 429 22.05 13.52 -12.02
C GLU C 429 22.33 12.03 -11.98
N THR C 430 21.36 11.25 -11.54
CA THR C 430 21.55 9.81 -11.56
C THR C 430 21.91 9.35 -12.97
N PHE C 431 21.28 9.91 -13.99
CA PHE C 431 21.45 9.32 -15.32
C PHE C 431 22.85 9.58 -15.84
N ILE C 432 23.29 10.84 -15.76
CA ILE C 432 24.63 11.22 -16.20
C ILE C 432 25.68 10.39 -15.47
N THR C 433 25.57 10.32 -14.15
CA THR C 433 26.48 9.45 -13.40
C THR C 433 26.41 8.02 -13.91
N PHE C 434 25.19 7.54 -14.16
CA PHE C 434 25.01 6.14 -14.52
C PHE C 434 25.60 5.85 -15.89
N ALA C 435 25.35 6.71 -16.88
CA ALA C 435 25.95 6.50 -18.19
C ALA C 435 27.48 6.54 -18.09
N THR C 436 28.02 7.55 -17.41
CA THR C 436 29.46 7.64 -17.22
C THR C 436 30.04 6.36 -16.64
N ARG C 437 29.46 5.87 -15.54
CA ARG C 437 30.00 4.64 -14.95
C ARG C 437 29.93 3.47 -15.94
N GLN C 438 28.83 3.35 -16.69
CA GLN C 438 28.66 2.14 -17.50
C GLN C 438 29.50 2.17 -18.76
N TRP C 439 29.90 3.36 -19.19
CA TRP C 439 30.69 3.54 -20.39
C TRP C 439 32.15 3.19 -20.18
N ALA C 440 32.65 3.35 -18.97
CA ALA C 440 34.02 2.96 -18.64
C ALA C 440 34.26 1.49 -18.95
#